data_1LAI
# 
_entry.id   1LAI 
# 
_audit_conform.dict_name       mmcif_pdbx.dic 
_audit_conform.dict_version    5.392 
_audit_conform.dict_location   http://mmcif.pdb.org/dictionaries/ascii/mmcif_pdbx.dic 
# 
loop_
_database_2.database_id 
_database_2.database_code 
_database_2.pdbx_database_accession 
_database_2.pdbx_DOI 
PDB   1LAI         pdb_00001lai 10.2210/pdb1lai/pdb 
RCSB  RCSB015793   ?            ?                   
WWPDB D_1000015793 ?            ?                   
# 
loop_
_pdbx_audit_revision_history.ordinal 
_pdbx_audit_revision_history.data_content_type 
_pdbx_audit_revision_history.major_revision 
_pdbx_audit_revision_history.minor_revision 
_pdbx_audit_revision_history.revision_date 
1 'Structure model' 1 0 2002-04-17 
2 'Structure model' 1 1 2008-04-28 
3 'Structure model' 1 2 2011-07-13 
4 'Structure model' 1 3 2022-02-23 
5 'Structure model' 1 4 2024-05-22 
# 
_pdbx_audit_revision_details.ordinal             1 
_pdbx_audit_revision_details.revision_ordinal    1 
_pdbx_audit_revision_details.data_content_type   'Structure model' 
_pdbx_audit_revision_details.provider            repository 
_pdbx_audit_revision_details.type                'Initial release' 
_pdbx_audit_revision_details.description         ? 
_pdbx_audit_revision_details.details             ? 
# 
loop_
_pdbx_audit_revision_group.ordinal 
_pdbx_audit_revision_group.revision_ordinal 
_pdbx_audit_revision_group.data_content_type 
_pdbx_audit_revision_group.group 
1 2 'Structure model' 'Version format compliance' 
2 3 'Structure model' 'Version format compliance' 
3 4 'Structure model' 'Data collection'           
4 4 'Structure model' 'Database references'       
5 4 'Structure model' 'Derived calculations'      
6 5 'Structure model' 'Data collection'           
# 
loop_
_pdbx_audit_revision_category.ordinal 
_pdbx_audit_revision_category.revision_ordinal 
_pdbx_audit_revision_category.data_content_type 
_pdbx_audit_revision_category.category 
1 4 'Structure model' database_2            
2 4 'Structure model' pdbx_nmr_software     
3 4 'Structure model' pdbx_struct_assembly  
4 4 'Structure model' pdbx_struct_oper_list 
5 5 'Structure model' chem_comp_atom        
6 5 'Structure model' chem_comp_bond        
# 
loop_
_pdbx_audit_revision_item.ordinal 
_pdbx_audit_revision_item.revision_ordinal 
_pdbx_audit_revision_item.data_content_type 
_pdbx_audit_revision_item.item 
1 4 'Structure model' '_database_2.pdbx_DOI'                
2 4 'Structure model' '_database_2.pdbx_database_accession' 
3 4 'Structure model' '_pdbx_nmr_software.name'             
# 
_pdbx_database_status.status_code                     REL 
_pdbx_database_status.entry_id                        1LAI 
_pdbx_database_status.recvd_initial_deposition_date   2002-03-28 
_pdbx_database_status.deposit_site                    RCSB 
_pdbx_database_status.process_site                    RCSB 
_pdbx_database_status.status_code_mr                  REL 
_pdbx_database_status.SG_entry                        . 
_pdbx_database_status.pdb_format_compatible           Y 
_pdbx_database_status.status_code_sf                  ? 
_pdbx_database_status.status_code_cs                  ? 
_pdbx_database_status.status_code_nmr_data            ? 
_pdbx_database_status.methods_development_category    ? 
# 
loop_
_pdbx_database_related.db_name 
_pdbx_database_related.db_id 
_pdbx_database_related.details 
_pdbx_database_related.content_type 
PDB 1LA8 '1la8 is the Solution structure of the DNA 13-mer hairpin CGCGGTGTCCGCG.' unspecified 
PDB 1LAE 
;1lae is the Solution structure of the DNA 13-mer hairpin CGCGGTXTCCGCG (X=PdG) containing the 1,N2-propanodeoxyguanosine adduct at the seventh positon.
;
unspecified 
PDB 1laq 
;1laq is the Solution structure of the B-DNA duplex CGCGGTXTCCGCG (X=PdG) 
containing the 1,N2-propanogeoxyguanosine adduct with the deoxyribose at C20 
opposite PdG in the C2' endo conformation.
;
unspecified 
PDB 1LAS 
;1LAS IS THE Solution structure of the B-DNA duplex CGCGGTXTCCGCG (X=PdG) 
containing the 1,N2-propanogeoxyguanosine adduct with the deoxyribose at C20 
opposite PdG in the C3' endo conformation.
;
unspecified 
# 
loop_
_audit_author.name 
_audit_author.pdbx_ordinal 
'Weisenseel, J.P.' 1 
'Reddy, G.R.'      2 
'Marnett, L.J.'    3 
'Stone, M.P.'      4 
# 
_citation.id                        primary 
_citation.title                     
;Structure of an oligodeoxynucleotide containing a 1,N(2)-propanodeoxyguanosine adduct positioned in a palindrome derived from the Salmonella typhimurium hisD3052 gene: Hoogsteen pairing at pH 5.2.
;
_citation.journal_abbrev            Chem.Res.Toxicol. 
_citation.journal_volume            15 
_citation.page_first                127 
_citation.page_last                 139 
_citation.year                      2002 
_citation.journal_id_ASTM           CRTOEC 
_citation.country                   US 
_citation.journal_id_ISSN           0893-228X 
_citation.journal_id_CSD            2140 
_citation.book_publisher            ? 
_citation.pdbx_database_id_PubMed   11849038 
_citation.pdbx_database_id_DOI      10.1021/tx0101090 
# 
loop_
_citation_author.citation_id 
_citation_author.name 
_citation_author.ordinal 
_citation_author.identifier_ORCID 
primary 'Weisenseel, J.P.' 1 ? 
primary 'Reddy, G.R.'      2 ? 
primary 'Marnett, L.J.'    3 ? 
primary 'Stone, M.P.'      4 ? 
# 
loop_
_entity.id 
_entity.type 
_entity.src_method 
_entity.pdbx_description 
_entity.formula_weight 
_entity.pdbx_number_of_molecules 
_entity.pdbx_ec 
_entity.pdbx_mutation 
_entity.pdbx_fragment 
_entity.details 
1 polymer syn "5'-D(*CP*GP*CP*GP*GP*TP*GP*TP*CP*CP*GP*CP*G)-3'" 3984.572 1 ? ? ? ? 
2 polymer syn "5'-D(*CP*GP*CP*GP*GP*AP*CP*AP*CP*CP*GP*CP*G)-3'" 3962.576 1 ? ? ? ? 
# 
loop_
_entity_poly.entity_id 
_entity_poly.type 
_entity_poly.nstd_linkage 
_entity_poly.nstd_monomer 
_entity_poly.pdbx_seq_one_letter_code 
_entity_poly.pdbx_seq_one_letter_code_can 
_entity_poly.pdbx_strand_id 
_entity_poly.pdbx_target_identifier 
1 polydeoxyribonucleotide no no '(DC)(DG)(DC)(DG)(DG)(DT)(DG)(DT)(DC)(DC)(DG)(DC)(DG)' CGCGGTGTCCGCG A ? 
2 polydeoxyribonucleotide no no '(DC)(DG)(DC)(DG)(DG)(DA)(DC)(DA)(DC)(DC)(DG)(DC)(DG)' CGCGGACACCGCG B ? 
# 
loop_
_entity_poly_seq.entity_id 
_entity_poly_seq.num 
_entity_poly_seq.mon_id 
_entity_poly_seq.hetero 
1 1  DC n 
1 2  DG n 
1 3  DC n 
1 4  DG n 
1 5  DG n 
1 6  DT n 
1 7  DG n 
1 8  DT n 
1 9  DC n 
1 10 DC n 
1 11 DG n 
1 12 DC n 
1 13 DG n 
2 1  DC n 
2 2  DG n 
2 3  DC n 
2 4  DG n 
2 5  DG n 
2 6  DA n 
2 7  DC n 
2 8  DA n 
2 9  DC n 
2 10 DC n 
2 11 DG n 
2 12 DC n 
2 13 DG n 
# 
loop_
_pdbx_entity_src_syn.entity_id 
_pdbx_entity_src_syn.pdbx_src_id 
_pdbx_entity_src_syn.pdbx_alt_source_flag 
_pdbx_entity_src_syn.pdbx_beg_seq_num 
_pdbx_entity_src_syn.pdbx_end_seq_num 
_pdbx_entity_src_syn.organism_scientific 
_pdbx_entity_src_syn.organism_common_name 
_pdbx_entity_src_syn.ncbi_taxonomy_id 
_pdbx_entity_src_syn.details 
1 1 sample ? ? ? ? ? 'This Synthetic DNA sequence was derived from the hisD3052 gene of salmonella typhimurium.' 
2 1 sample ? ? ? ? ? 'This Synthetic DNA sequence was derived from the hisD3052 gene of salmonella typhimurium.' 
# 
loop_
_chem_comp.id 
_chem_comp.type 
_chem_comp.mon_nstd_flag 
_chem_comp.name 
_chem_comp.pdbx_synonyms 
_chem_comp.formula 
_chem_comp.formula_weight 
DA 'DNA linking' y "2'-DEOXYADENOSINE-5'-MONOPHOSPHATE" ? 'C10 H14 N5 O6 P' 331.222 
DC 'DNA linking' y "2'-DEOXYCYTIDINE-5'-MONOPHOSPHATE"  ? 'C9 H14 N3 O7 P'  307.197 
DG 'DNA linking' y "2'-DEOXYGUANOSINE-5'-MONOPHOSPHATE" ? 'C10 H14 N5 O7 P' 347.221 
DT 'DNA linking' y "THYMIDINE-5'-MONOPHOSPHATE"         ? 'C10 H15 N2 O8 P' 322.208 
# 
loop_
_pdbx_poly_seq_scheme.asym_id 
_pdbx_poly_seq_scheme.entity_id 
_pdbx_poly_seq_scheme.seq_id 
_pdbx_poly_seq_scheme.mon_id 
_pdbx_poly_seq_scheme.ndb_seq_num 
_pdbx_poly_seq_scheme.pdb_seq_num 
_pdbx_poly_seq_scheme.auth_seq_num 
_pdbx_poly_seq_scheme.pdb_mon_id 
_pdbx_poly_seq_scheme.auth_mon_id 
_pdbx_poly_seq_scheme.pdb_strand_id 
_pdbx_poly_seq_scheme.pdb_ins_code 
_pdbx_poly_seq_scheme.hetero 
A 1 1  DC 1  1  1  DC C A . n 
A 1 2  DG 2  2  2  DG G A . n 
A 1 3  DC 3  3  3  DC C A . n 
A 1 4  DG 4  4  4  DG G A . n 
A 1 5  DG 5  5  5  DG G A . n 
A 1 6  DT 6  6  6  DT T A . n 
A 1 7  DG 7  7  7  DG G A . n 
A 1 8  DT 8  8  8  DT T A . n 
A 1 9  DC 9  9  9  DC C A . n 
A 1 10 DC 10 10 10 DC C A . n 
A 1 11 DG 11 11 11 DG G A . n 
A 1 12 DC 12 12 12 DC C A . n 
A 1 13 DG 13 13 13 DG G A . n 
B 2 1  DC 1  14 14 DC C B . n 
B 2 2  DG 2  15 15 DG G B . n 
B 2 3  DC 3  16 16 DC C B . n 
B 2 4  DG 4  17 17 DG G B . n 
B 2 5  DG 5  18 18 DG G B . n 
B 2 6  DA 6  19 19 DA A B . n 
B 2 7  DC 7  20 20 DC C B . n 
B 2 8  DA 8  21 21 DA A B . n 
B 2 9  DC 9  22 22 DC C B . n 
B 2 10 DC 10 23 23 DC C B . n 
B 2 11 DG 11 24 24 DG G B . n 
B 2 12 DC 12 25 25 DC C B . n 
B 2 13 DG 13 26 26 DG G B . n 
# 
_exptl.entry_id          1LAI 
_exptl.method            'SOLUTION NMR' 
_exptl.crystals_number   ? 
# 
_exptl_crystal.id                    1 
_exptl_crystal.density_meas          ? 
_exptl_crystal.density_Matthews      ? 
_exptl_crystal.density_percent_sol   ? 
_exptl_crystal.description           ? 
# 
_diffrn.id                     1 
_diffrn.crystal_id             1 
_diffrn.ambient_temp           ? 
_diffrn.ambient_temp_details   ? 
# 
_diffrn_radiation.diffrn_id                        1 
_diffrn_radiation.wavelength_id                    1 
_diffrn_radiation.pdbx_monochromatic_or_laue_m_l   M 
_diffrn_radiation.monochromator                    ? 
_diffrn_radiation.pdbx_diffrn_protocol             'SINGLE WAVELENGTH' 
_diffrn_radiation.pdbx_scattering_type             ? 
# 
_diffrn_radiation_wavelength.id           1 
_diffrn_radiation_wavelength.wavelength   . 
_diffrn_radiation_wavelength.wt           1.0 
# 
_struct.entry_id                  1LAI 
_struct.title                     'Solution Structure of the B-DNA Duplex CGCGGTGTCCGCG.' 
_struct.pdbx_model_details        ? 
_struct.pdbx_CASP_flag            ? 
_struct.pdbx_model_type_details   'minimized average' 
# 
_struct_keywords.entry_id        1LAI 
_struct_keywords.pdbx_keywords   DNA 
_struct_keywords.text            'DNA, B-type' 
# 
loop_
_struct_asym.id 
_struct_asym.pdbx_blank_PDB_chainid_flag 
_struct_asym.pdbx_modified 
_struct_asym.entity_id 
_struct_asym.details 
A N N 1 ? 
B N N 2 ? 
# 
loop_
_struct_ref.id 
_struct_ref.entity_id 
_struct_ref.db_name 
_struct_ref.db_code 
_struct_ref.pdbx_db_accession 
_struct_ref.pdbx_db_isoform 
_struct_ref.pdbx_seq_one_letter_code 
_struct_ref.pdbx_align_begin 
1 1 PDB 1LAI 1LAI ? ? ? 
2 2 PDB 1LAI 1LAI ? ? ? 
# 
loop_
_struct_ref_seq.align_id 
_struct_ref_seq.ref_id 
_struct_ref_seq.pdbx_PDB_id_code 
_struct_ref_seq.pdbx_strand_id 
_struct_ref_seq.seq_align_beg 
_struct_ref_seq.pdbx_seq_align_beg_ins_code 
_struct_ref_seq.seq_align_end 
_struct_ref_seq.pdbx_seq_align_end_ins_code 
_struct_ref_seq.pdbx_db_accession 
_struct_ref_seq.db_align_beg 
_struct_ref_seq.pdbx_db_align_beg_ins_code 
_struct_ref_seq.db_align_end 
_struct_ref_seq.pdbx_db_align_end_ins_code 
_struct_ref_seq.pdbx_auth_seq_align_beg 
_struct_ref_seq.pdbx_auth_seq_align_end 
1 1 1LAI A 1 ? 13 ? 1LAI 1  ? 13 ? 1  13 
2 2 1LAI B 1 ? 13 ? 1LAI 14 ? 26 ? 14 26 
# 
_pdbx_struct_assembly.id                   1 
_pdbx_struct_assembly.details              author_defined_assembly 
_pdbx_struct_assembly.method_details       ? 
_pdbx_struct_assembly.oligomeric_details   dimeric 
_pdbx_struct_assembly.oligomeric_count     2 
# 
_pdbx_struct_assembly_gen.assembly_id       1 
_pdbx_struct_assembly_gen.oper_expression   1 
_pdbx_struct_assembly_gen.asym_id_list      A,B 
# 
_pdbx_struct_oper_list.id                   1 
_pdbx_struct_oper_list.type                 'identity operation' 
_pdbx_struct_oper_list.name                 1_555 
_pdbx_struct_oper_list.symmetry_operation   x,y,z 
_pdbx_struct_oper_list.matrix[1][1]         1.0000000000 
_pdbx_struct_oper_list.matrix[1][2]         0.0000000000 
_pdbx_struct_oper_list.matrix[1][3]         0.0000000000 
_pdbx_struct_oper_list.vector[1]            0.0000000000 
_pdbx_struct_oper_list.matrix[2][1]         0.0000000000 
_pdbx_struct_oper_list.matrix[2][2]         1.0000000000 
_pdbx_struct_oper_list.matrix[2][3]         0.0000000000 
_pdbx_struct_oper_list.vector[2]            0.0000000000 
_pdbx_struct_oper_list.matrix[3][1]         0.0000000000 
_pdbx_struct_oper_list.matrix[3][2]         0.0000000000 
_pdbx_struct_oper_list.matrix[3][3]         1.0000000000 
_pdbx_struct_oper_list.vector[3]            0.0000000000 
# 
_struct_biol.id   1 
# 
loop_
_struct_conn.id 
_struct_conn.conn_type_id 
_struct_conn.pdbx_leaving_atom_flag 
_struct_conn.pdbx_PDB_id 
_struct_conn.ptnr1_label_asym_id 
_struct_conn.ptnr1_label_comp_id 
_struct_conn.ptnr1_label_seq_id 
_struct_conn.ptnr1_label_atom_id 
_struct_conn.pdbx_ptnr1_label_alt_id 
_struct_conn.pdbx_ptnr1_PDB_ins_code 
_struct_conn.pdbx_ptnr1_standard_comp_id 
_struct_conn.ptnr1_symmetry 
_struct_conn.ptnr2_label_asym_id 
_struct_conn.ptnr2_label_comp_id 
_struct_conn.ptnr2_label_seq_id 
_struct_conn.ptnr2_label_atom_id 
_struct_conn.pdbx_ptnr2_label_alt_id 
_struct_conn.pdbx_ptnr2_PDB_ins_code 
_struct_conn.ptnr1_auth_asym_id 
_struct_conn.ptnr1_auth_comp_id 
_struct_conn.ptnr1_auth_seq_id 
_struct_conn.ptnr2_auth_asym_id 
_struct_conn.ptnr2_auth_comp_id 
_struct_conn.ptnr2_auth_seq_id 
_struct_conn.ptnr2_symmetry 
_struct_conn.pdbx_ptnr3_label_atom_id 
_struct_conn.pdbx_ptnr3_label_seq_id 
_struct_conn.pdbx_ptnr3_label_comp_id 
_struct_conn.pdbx_ptnr3_label_asym_id 
_struct_conn.pdbx_ptnr3_label_alt_id 
_struct_conn.pdbx_ptnr3_PDB_ins_code 
_struct_conn.details 
_struct_conn.pdbx_dist_value 
_struct_conn.pdbx_value_order 
_struct_conn.pdbx_role 
hydrog1  hydrog ? ? A DC 1  N3 ? ? ? 1_555 B DG 13 N1 ? ? A DC 1  B DG 26 1_555 ? ? ? ? ? ? WATSON-CRICK ? ? ? 
hydrog2  hydrog ? ? A DC 1  N4 ? ? ? 1_555 B DG 13 O6 ? ? A DC 1  B DG 26 1_555 ? ? ? ? ? ? WATSON-CRICK ? ? ? 
hydrog3  hydrog ? ? A DC 1  O2 ? ? ? 1_555 B DG 13 N2 ? ? A DC 1  B DG 26 1_555 ? ? ? ? ? ? WATSON-CRICK ? ? ? 
hydrog4  hydrog ? ? A DG 2  N1 ? ? ? 1_555 B DC 12 N3 ? ? A DG 2  B DC 25 1_555 ? ? ? ? ? ? WATSON-CRICK ? ? ? 
hydrog5  hydrog ? ? A DG 2  N2 ? ? ? 1_555 B DC 12 O2 ? ? A DG 2  B DC 25 1_555 ? ? ? ? ? ? WATSON-CRICK ? ? ? 
hydrog6  hydrog ? ? A DG 2  O6 ? ? ? 1_555 B DC 12 N4 ? ? A DG 2  B DC 25 1_555 ? ? ? ? ? ? WATSON-CRICK ? ? ? 
hydrog7  hydrog ? ? A DC 3  N3 ? ? ? 1_555 B DG 11 N1 ? ? A DC 3  B DG 24 1_555 ? ? ? ? ? ? WATSON-CRICK ? ? ? 
hydrog8  hydrog ? ? A DC 3  N4 ? ? ? 1_555 B DG 11 O6 ? ? A DC 3  B DG 24 1_555 ? ? ? ? ? ? WATSON-CRICK ? ? ? 
hydrog9  hydrog ? ? A DC 3  O2 ? ? ? 1_555 B DG 11 N2 ? ? A DC 3  B DG 24 1_555 ? ? ? ? ? ? WATSON-CRICK ? ? ? 
hydrog10 hydrog ? ? A DG 4  N1 ? ? ? 1_555 B DC 10 N3 ? ? A DG 4  B DC 23 1_555 ? ? ? ? ? ? WATSON-CRICK ? ? ? 
hydrog11 hydrog ? ? A DG 4  N2 ? ? ? 1_555 B DC 10 O2 ? ? A DG 4  B DC 23 1_555 ? ? ? ? ? ? WATSON-CRICK ? ? ? 
hydrog12 hydrog ? ? A DG 4  O6 ? ? ? 1_555 B DC 10 N4 ? ? A DG 4  B DC 23 1_555 ? ? ? ? ? ? WATSON-CRICK ? ? ? 
hydrog13 hydrog ? ? A DG 5  N1 ? ? ? 1_555 B DC 9  N3 ? ? A DG 5  B DC 22 1_555 ? ? ? ? ? ? WATSON-CRICK ? ? ? 
hydrog14 hydrog ? ? A DG 5  N2 ? ? ? 1_555 B DC 9  O2 ? ? A DG 5  B DC 22 1_555 ? ? ? ? ? ? WATSON-CRICK ? ? ? 
hydrog15 hydrog ? ? A DG 5  O6 ? ? ? 1_555 B DC 9  N4 ? ? A DG 5  B DC 22 1_555 ? ? ? ? ? ? WATSON-CRICK ? ? ? 
hydrog16 hydrog ? ? A DT 6  N3 ? ? ? 1_555 B DA 8  N1 ? ? A DT 6  B DA 21 1_555 ? ? ? ? ? ? WATSON-CRICK ? ? ? 
hydrog17 hydrog ? ? A DT 6  O4 ? ? ? 1_555 B DA 8  N6 ? ? A DT 6  B DA 21 1_555 ? ? ? ? ? ? WATSON-CRICK ? ? ? 
hydrog18 hydrog ? ? A DG 7  N1 ? ? ? 1_555 B DC 7  N3 ? ? A DG 7  B DC 20 1_555 ? ? ? ? ? ? WATSON-CRICK ? ? ? 
hydrog19 hydrog ? ? A DG 7  N2 ? ? ? 1_555 B DC 7  O2 ? ? A DG 7  B DC 20 1_555 ? ? ? ? ? ? WATSON-CRICK ? ? ? 
hydrog20 hydrog ? ? A DG 7  O6 ? ? ? 1_555 B DC 7  N4 ? ? A DG 7  B DC 20 1_555 ? ? ? ? ? ? WATSON-CRICK ? ? ? 
hydrog21 hydrog ? ? A DT 8  N3 ? ? ? 1_555 B DA 6  N1 ? ? A DT 8  B DA 19 1_555 ? ? ? ? ? ? WATSON-CRICK ? ? ? 
hydrog22 hydrog ? ? A DT 8  O4 ? ? ? 1_555 B DA 6  N6 ? ? A DT 8  B DA 19 1_555 ? ? ? ? ? ? WATSON-CRICK ? ? ? 
hydrog23 hydrog ? ? A DC 9  N4 ? ? ? 1_555 B DG 4  O6 ? ? A DC 9  B DG 17 1_555 ? ? ? ? ? ? 'DC-DG PAIR' ? ? ? 
hydrog24 hydrog ? ? A DC 9  N3 ? ? ? 1_555 B DG 5  N1 ? ? A DC 9  B DG 18 1_555 ? ? ? ? ? ? WATSON-CRICK ? ? ? 
hydrog25 hydrog ? ? A DC 9  N4 ? ? ? 1_555 B DG 5  O6 ? ? A DC 9  B DG 18 1_555 ? ? ? ? ? ? WATSON-CRICK ? ? ? 
hydrog26 hydrog ? ? A DC 9  O2 ? ? ? 1_555 B DG 5  N2 ? ? A DC 9  B DG 18 1_555 ? ? ? ? ? ? WATSON-CRICK ? ? ? 
hydrog27 hydrog ? ? A DC 10 N3 ? ? ? 1_555 B DG 4  N1 ? ? A DC 10 B DG 17 1_555 ? ? ? ? ? ? WATSON-CRICK ? ? ? 
hydrog28 hydrog ? ? A DC 10 N4 ? ? ? 1_555 B DG 4  O6 ? ? A DC 10 B DG 17 1_555 ? ? ? ? ? ? WATSON-CRICK ? ? ? 
hydrog29 hydrog ? ? A DC 10 O2 ? ? ? 1_555 B DG 4  N2 ? ? A DC 10 B DG 17 1_555 ? ? ? ? ? ? WATSON-CRICK ? ? ? 
hydrog30 hydrog ? ? A DG 11 N1 ? ? ? 1_555 B DC 3  N3 ? ? A DG 11 B DC 16 1_555 ? ? ? ? ? ? WATSON-CRICK ? ? ? 
hydrog31 hydrog ? ? A DG 11 N2 ? ? ? 1_555 B DC 3  O2 ? ? A DG 11 B DC 16 1_555 ? ? ? ? ? ? WATSON-CRICK ? ? ? 
hydrog32 hydrog ? ? A DG 11 O6 ? ? ? 1_555 B DC 3  N4 ? ? A DG 11 B DC 16 1_555 ? ? ? ? ? ? WATSON-CRICK ? ? ? 
hydrog33 hydrog ? ? A DC 12 N3 ? ? ? 1_555 B DG 2  N1 ? ? A DC 12 B DG 15 1_555 ? ? ? ? ? ? WATSON-CRICK ? ? ? 
hydrog34 hydrog ? ? A DC 12 N4 ? ? ? 1_555 B DG 2  O6 ? ? A DC 12 B DG 15 1_555 ? ? ? ? ? ? WATSON-CRICK ? ? ? 
hydrog35 hydrog ? ? A DC 12 O2 ? ? ? 1_555 B DG 2  N2 ? ? A DC 12 B DG 15 1_555 ? ? ? ? ? ? WATSON-CRICK ? ? ? 
hydrog36 hydrog ? ? A DG 13 N1 ? ? ? 1_555 B DC 1  N3 ? ? A DG 13 B DC 14 1_555 ? ? ? ? ? ? WATSON-CRICK ? ? ? 
hydrog37 hydrog ? ? A DG 13 N2 ? ? ? 1_555 B DC 1  O2 ? ? A DG 13 B DC 14 1_555 ? ? ? ? ? ? WATSON-CRICK ? ? ? 
hydrog38 hydrog ? ? A DG 13 O6 ? ? ? 1_555 B DC 1  N4 ? ? A DG 13 B DC 14 1_555 ? ? ? ? ? ? WATSON-CRICK ? ? ? 
# 
_struct_conn_type.id          hydrog 
_struct_conn_type.criteria    ? 
_struct_conn_type.reference   ? 
# 
loop_
_pdbx_validate_rmsd_angle.id 
_pdbx_validate_rmsd_angle.PDB_model_num 
_pdbx_validate_rmsd_angle.auth_atom_id_1 
_pdbx_validate_rmsd_angle.auth_asym_id_1 
_pdbx_validate_rmsd_angle.auth_comp_id_1 
_pdbx_validate_rmsd_angle.auth_seq_id_1 
_pdbx_validate_rmsd_angle.PDB_ins_code_1 
_pdbx_validate_rmsd_angle.label_alt_id_1 
_pdbx_validate_rmsd_angle.auth_atom_id_2 
_pdbx_validate_rmsd_angle.auth_asym_id_2 
_pdbx_validate_rmsd_angle.auth_comp_id_2 
_pdbx_validate_rmsd_angle.auth_seq_id_2 
_pdbx_validate_rmsd_angle.PDB_ins_code_2 
_pdbx_validate_rmsd_angle.label_alt_id_2 
_pdbx_validate_rmsd_angle.auth_atom_id_3 
_pdbx_validate_rmsd_angle.auth_asym_id_3 
_pdbx_validate_rmsd_angle.auth_comp_id_3 
_pdbx_validate_rmsd_angle.auth_seq_id_3 
_pdbx_validate_rmsd_angle.PDB_ins_code_3 
_pdbx_validate_rmsd_angle.label_alt_id_3 
_pdbx_validate_rmsd_angle.angle_value 
_pdbx_validate_rmsd_angle.angle_target_value 
_pdbx_validate_rmsd_angle.angle_deviation 
_pdbx_validate_rmsd_angle.angle_standard_deviation 
_pdbx_validate_rmsd_angle.linker_flag 
1  1 "O4'" A DC 1  ? ? "C1'" A DC 1  ? ? N1 A DC 1  ? ? 111.36 108.30 3.06  0.30 N 
2  1 "O4'" A DG 2  ? ? "C1'" A DG 2  ? ? N9 A DG 2  ? ? 111.34 108.30 3.04  0.30 N 
3  1 N7    A DG 2  ? ? C8    A DG 2  ? ? N9 A DG 2  ? ? 117.81 113.10 4.71  0.50 N 
4  1 C8    A DG 2  ? ? N9    A DG 2  ? ? C4 A DG 2  ? ? 103.83 106.40 -2.57 0.40 N 
5  1 "O4'" A DC 3  ? ? "C1'" A DC 3  ? ? N1 A DC 3  ? ? 110.86 108.30 2.56  0.30 N 
6  1 "O4'" A DG 4  ? ? "C1'" A DG 4  ? ? N9 A DG 4  ? ? 111.25 108.30 2.95  0.30 N 
7  1 N7    A DG 4  ? ? C8    A DG 4  ? ? N9 A DG 4  ? ? 117.64 113.10 4.54  0.50 N 
8  1 C8    A DG 4  ? ? N9    A DG 4  ? ? C4 A DG 4  ? ? 103.62 106.40 -2.78 0.40 N 
9  1 "O4'" A DG 5  ? ? "C1'" A DG 5  ? ? N9 A DG 5  ? ? 111.47 108.30 3.17  0.30 N 
10 1 N7    A DG 5  ? ? C8    A DG 5  ? ? N9 A DG 5  ? ? 117.70 113.10 4.60  0.50 N 
11 1 C8    A DG 5  ? ? N9    A DG 5  ? ? C4 A DG 5  ? ? 103.65 106.40 -2.75 0.40 N 
12 1 "O4'" A DT 6  ? ? "C1'" A DT 6  ? ? N1 A DT 6  ? ? 111.66 108.30 3.36  0.30 N 
13 1 C6    A DT 6  ? ? C5    A DT 6  ? ? C7 A DT 6  ? ? 118.87 122.90 -4.03 0.60 N 
14 1 "O4'" A DG 7  ? ? "C1'" A DG 7  ? ? N9 A DG 7  ? ? 111.48 108.30 3.18  0.30 N 
15 1 N7    A DG 7  ? ? C8    A DG 7  ? ? N9 A DG 7  ? ? 117.65 113.10 4.55  0.50 N 
16 1 C8    A DG 7  ? ? N9    A DG 7  ? ? C4 A DG 7  ? ? 103.65 106.40 -2.75 0.40 N 
17 1 "O4'" A DT 8  ? ? "C1'" A DT 8  ? ? N1 A DT 8  ? ? 111.79 108.30 3.49  0.30 N 
18 1 C6    A DT 8  ? ? C5    A DT 8  ? ? C7 A DT 8  ? ? 118.72 122.90 -4.18 0.60 N 
19 1 "O4'" A DC 9  ? ? "C1'" A DC 9  ? ? N1 A DC 9  ? ? 111.68 108.30 3.38  0.30 N 
20 1 "O4'" A DC 10 ? ? "C1'" A DC 10 ? ? N1 A DC 10 ? ? 111.30 108.30 3.00  0.30 N 
21 1 "O4'" A DG 11 ? ? "C1'" A DG 11 ? ? N9 A DG 11 ? ? 111.07 108.30 2.77  0.30 N 
22 1 N7    A DG 11 ? ? C8    A DG 11 ? ? N9 A DG 11 ? ? 117.64 113.10 4.54  0.50 N 
23 1 C8    A DG 11 ? ? N9    A DG 11 ? ? C4 A DG 11 ? ? 103.83 106.40 -2.57 0.40 N 
24 1 "O4'" A DC 12 ? ? "C1'" A DC 12 ? ? N1 A DC 12 ? ? 111.10 108.30 2.80  0.30 N 
25 1 "O4'" A DG 13 ? ? "C1'" A DG 13 ? ? N9 A DG 13 ? ? 110.87 108.30 2.57  0.30 N 
26 1 N7    A DG 13 ? ? C8    A DG 13 ? ? N9 A DG 13 ? ? 117.71 113.10 4.61  0.50 N 
27 1 C8    A DG 13 ? ? N9    A DG 13 ? ? C4 A DG 13 ? ? 103.66 106.40 -2.74 0.40 N 
28 1 "O4'" B DC 14 ? ? "C1'" B DC 14 ? ? N1 B DC 14 ? ? 111.57 108.30 3.27  0.30 N 
29 1 "O4'" B DG 15 ? ? "C1'" B DG 15 ? ? N9 B DG 15 ? ? 111.14 108.30 2.84  0.30 N 
30 1 N7    B DG 15 ? ? C8    B DG 15 ? ? N9 B DG 15 ? ? 117.59 113.10 4.49  0.50 N 
31 1 C8    B DG 15 ? ? N9    B DG 15 ? ? C4 B DG 15 ? ? 103.74 106.40 -2.66 0.40 N 
32 1 "O4'" B DC 16 ? ? "C1'" B DC 16 ? ? N1 B DC 16 ? ? 111.13 108.30 2.83  0.30 N 
33 1 "O4'" B DG 17 ? ? "C1'" B DG 17 ? ? N9 B DG 17 ? ? 111.09 108.30 2.79  0.30 N 
34 1 N7    B DG 17 ? ? C8    B DG 17 ? ? N9 B DG 17 ? ? 117.65 113.10 4.55  0.50 N 
35 1 C8    B DG 17 ? ? N9    B DG 17 ? ? C4 B DG 17 ? ? 103.73 106.40 -2.67 0.40 N 
36 1 "O4'" B DG 18 ? ? "C1'" B DG 18 ? ? N9 B DG 18 ? ? 111.55 108.30 3.25  0.30 N 
37 1 N7    B DG 18 ? ? C8    B DG 18 ? ? N9 B DG 18 ? ? 117.62 113.10 4.52  0.50 N 
38 1 C8    B DG 18 ? ? N9    B DG 18 ? ? C4 B DG 18 ? ? 103.67 106.40 -2.73 0.40 N 
39 1 "O4'" B DA 19 ? ? "C1'" B DA 19 ? ? N9 B DA 19 ? ? 110.66 108.30 2.36  0.30 N 
40 1 N7    B DA 19 ? ? C8    B DA 19 ? ? N9 B DA 19 ? ? 117.70 113.80 3.90  0.50 N 
41 1 "O4'" B DC 20 ? ? "C1'" B DC 20 ? ? N1 B DC 20 ? ? 111.52 108.30 3.22  0.30 N 
42 1 "O4'" B DA 21 ? ? "C1'" B DA 21 ? ? N9 B DA 21 ? ? 110.46 108.30 2.16  0.30 N 
43 1 N7    B DA 21 ? ? C8    B DA 21 ? ? N9 B DA 21 ? ? 117.71 113.80 3.91  0.50 N 
44 1 "O4'" B DC 22 ? ? "C1'" B DC 22 ? ? N1 B DC 22 ? ? 111.52 108.30 3.22  0.30 N 
45 1 "O4'" B DC 23 ? ? "C1'" B DC 23 ? ? N1 B DC 23 ? ? 111.25 108.30 2.95  0.30 N 
46 1 "O4'" B DG 24 ? ? "C1'" B DG 24 ? ? N9 B DG 24 ? ? 111.02 108.30 2.72  0.30 N 
47 1 N7    B DG 24 ? ? C8    B DG 24 ? ? N9 B DG 24 ? ? 117.58 113.10 4.48  0.50 N 
48 1 C8    B DG 24 ? ? N9    B DG 24 ? ? C4 B DG 24 ? ? 103.90 106.40 -2.50 0.40 N 
49 1 "O4'" B DC 25 ? ? "C1'" B DC 25 ? ? N1 B DC 25 ? ? 110.92 108.30 2.62  0.30 N 
50 1 "O4'" B DG 26 ? ? "C1'" B DG 26 ? ? N9 B DG 26 ? ? 110.84 108.30 2.54  0.30 N 
51 1 N7    B DG 26 ? ? C8    B DG 26 ? ? N9 B DG 26 ? ? 117.74 113.10 4.64  0.50 N 
52 1 C8    B DG 26 ? ? N9    B DG 26 ? ? C4 B DG 26 ? ? 103.66 106.40 -2.74 0.40 N 
# 
_pdbx_nmr_ensemble.entry_id                             1LAI 
_pdbx_nmr_ensemble.conformers_calculated_total_number   ? 
_pdbx_nmr_ensemble.conformers_submitted_total_number    1 
_pdbx_nmr_ensemble.conformer_selection_criteria         ? 
# 
_pdbx_nmr_representative.entry_id             1LAI 
_pdbx_nmr_representative.conformer_id         1 
_pdbx_nmr_representative.selection_criteria   'minimized average structure' 
# 
loop_
_pdbx_nmr_sample_details.solution_id 
_pdbx_nmr_sample_details.contents 
_pdbx_nmr_sample_details.solvent_system 
1 '1.8 mM DNA strand, 10 mM sodium phosphate, 100 mM NaCl, 50 uM EDTA' D2O     
2 '1.8 mM DNA strand, 1 mM sodium phosphate, 100 mM NaCl, 50 uM EDTA'  H2O/D2O 
# 
loop_
_pdbx_nmr_exptl_sample_conditions.conditions_id 
_pdbx_nmr_exptl_sample_conditions.temperature 
_pdbx_nmr_exptl_sample_conditions.pressure 
_pdbx_nmr_exptl_sample_conditions.pH 
_pdbx_nmr_exptl_sample_conditions.ionic_strength 
_pdbx_nmr_exptl_sample_conditions.pressure_units 
_pdbx_nmr_exptl_sample_conditions.temperature_units 
1 303 ambient 6.8 '100 mM NaCl' ? K 
2 278 ambient 6.8 '100 mM NaCl' ? K 
# 
loop_
_pdbx_nmr_exptl.experiment_id 
_pdbx_nmr_exptl.solution_id 
_pdbx_nmr_exptl.conditions_id 
_pdbx_nmr_exptl.type 
1 1 1 '2D NOESY'    
2 1 1 DQF-COSY      
3 1 1 '31P-1H COSY' 
4 2 2 '2D NOESY'    
# 
_pdbx_nmr_refine.entry_id           1LAI 
_pdbx_nmr_refine.method             'Molecular dynamics using a simulated annealing protocol.' 
_pdbx_nmr_refine.details            ? 
_pdbx_nmr_refine.software_ordinal   1 
# 
loop_
_pdbx_nmr_software.name 
_pdbx_nmr_software.version 
_pdbx_nmr_software.classification 
_pdbx_nmr_software.authors 
_pdbx_nmr_software.ordinal 
UXNMR     3.0          collection                    Bruker            1 
Felix     '97.0, 2000' 'data analysis'               'Hare, D.'        2 
MARDIGRAS 3.2          'iterative matrix relaxation' 'Borgias & James' 3 
X-PLOR    3.8          refinement                    'Brunger, A.'     4 
# 
loop_
_chem_comp_atom.comp_id 
_chem_comp_atom.atom_id 
_chem_comp_atom.type_symbol 
_chem_comp_atom.pdbx_aromatic_flag 
_chem_comp_atom.pdbx_stereo_config 
_chem_comp_atom.pdbx_ordinal 
DA OP3    O N N 1   
DA P      P N N 2   
DA OP1    O N N 3   
DA OP2    O N N 4   
DA "O5'"  O N N 5   
DA "C5'"  C N N 6   
DA "C4'"  C N R 7   
DA "O4'"  O N N 8   
DA "C3'"  C N S 9   
DA "O3'"  O N N 10  
DA "C2'"  C N N 11  
DA "C1'"  C N R 12  
DA N9     N Y N 13  
DA C8     C Y N 14  
DA N7     N Y N 15  
DA C5     C Y N 16  
DA C6     C Y N 17  
DA N6     N N N 18  
DA N1     N Y N 19  
DA C2     C Y N 20  
DA N3     N Y N 21  
DA C4     C Y N 22  
DA HOP3   H N N 23  
DA HOP2   H N N 24  
DA "H5'"  H N N 25  
DA "H5''" H N N 26  
DA "H4'"  H N N 27  
DA "H3'"  H N N 28  
DA "HO3'" H N N 29  
DA "H2'"  H N N 30  
DA "H2''" H N N 31  
DA "H1'"  H N N 32  
DA H8     H N N 33  
DA H61    H N N 34  
DA H62    H N N 35  
DA H2     H N N 36  
DC OP3    O N N 37  
DC P      P N N 38  
DC OP1    O N N 39  
DC OP2    O N N 40  
DC "O5'"  O N N 41  
DC "C5'"  C N N 42  
DC "C4'"  C N R 43  
DC "O4'"  O N N 44  
DC "C3'"  C N S 45  
DC "O3'"  O N N 46  
DC "C2'"  C N N 47  
DC "C1'"  C N R 48  
DC N1     N N N 49  
DC C2     C N N 50  
DC O2     O N N 51  
DC N3     N N N 52  
DC C4     C N N 53  
DC N4     N N N 54  
DC C5     C N N 55  
DC C6     C N N 56  
DC HOP3   H N N 57  
DC HOP2   H N N 58  
DC "H5'"  H N N 59  
DC "H5''" H N N 60  
DC "H4'"  H N N 61  
DC "H3'"  H N N 62  
DC "HO3'" H N N 63  
DC "H2'"  H N N 64  
DC "H2''" H N N 65  
DC "H1'"  H N N 66  
DC H41    H N N 67  
DC H42    H N N 68  
DC H5     H N N 69  
DC H6     H N N 70  
DG OP3    O N N 71  
DG P      P N N 72  
DG OP1    O N N 73  
DG OP2    O N N 74  
DG "O5'"  O N N 75  
DG "C5'"  C N N 76  
DG "C4'"  C N R 77  
DG "O4'"  O N N 78  
DG "C3'"  C N S 79  
DG "O3'"  O N N 80  
DG "C2'"  C N N 81  
DG "C1'"  C N R 82  
DG N9     N Y N 83  
DG C8     C Y N 84  
DG N7     N Y N 85  
DG C5     C Y N 86  
DG C6     C N N 87  
DG O6     O N N 88  
DG N1     N N N 89  
DG C2     C N N 90  
DG N2     N N N 91  
DG N3     N N N 92  
DG C4     C Y N 93  
DG HOP3   H N N 94  
DG HOP2   H N N 95  
DG "H5'"  H N N 96  
DG "H5''" H N N 97  
DG "H4'"  H N N 98  
DG "H3'"  H N N 99  
DG "HO3'" H N N 100 
DG "H2'"  H N N 101 
DG "H2''" H N N 102 
DG "H1'"  H N N 103 
DG H8     H N N 104 
DG H1     H N N 105 
DG H21    H N N 106 
DG H22    H N N 107 
DT OP3    O N N 108 
DT P      P N N 109 
DT OP1    O N N 110 
DT OP2    O N N 111 
DT "O5'"  O N N 112 
DT "C5'"  C N N 113 
DT "C4'"  C N R 114 
DT "O4'"  O N N 115 
DT "C3'"  C N S 116 
DT "O3'"  O N N 117 
DT "C2'"  C N N 118 
DT "C1'"  C N R 119 
DT N1     N N N 120 
DT C2     C N N 121 
DT O2     O N N 122 
DT N3     N N N 123 
DT C4     C N N 124 
DT O4     O N N 125 
DT C5     C N N 126 
DT C7     C N N 127 
DT C6     C N N 128 
DT HOP3   H N N 129 
DT HOP2   H N N 130 
DT "H5'"  H N N 131 
DT "H5''" H N N 132 
DT "H4'"  H N N 133 
DT "H3'"  H N N 134 
DT "HO3'" H N N 135 
DT "H2'"  H N N 136 
DT "H2''" H N N 137 
DT "H1'"  H N N 138 
DT H3     H N N 139 
DT H71    H N N 140 
DT H72    H N N 141 
DT H73    H N N 142 
DT H6     H N N 143 
# 
loop_
_chem_comp_bond.comp_id 
_chem_comp_bond.atom_id_1 
_chem_comp_bond.atom_id_2 
_chem_comp_bond.value_order 
_chem_comp_bond.pdbx_aromatic_flag 
_chem_comp_bond.pdbx_stereo_config 
_chem_comp_bond.pdbx_ordinal 
DA OP3   P      sing N N 1   
DA OP3   HOP3   sing N N 2   
DA P     OP1    doub N N 3   
DA P     OP2    sing N N 4   
DA P     "O5'"  sing N N 5   
DA OP2   HOP2   sing N N 6   
DA "O5'" "C5'"  sing N N 7   
DA "C5'" "C4'"  sing N N 8   
DA "C5'" "H5'"  sing N N 9   
DA "C5'" "H5''" sing N N 10  
DA "C4'" "O4'"  sing N N 11  
DA "C4'" "C3'"  sing N N 12  
DA "C4'" "H4'"  sing N N 13  
DA "O4'" "C1'"  sing N N 14  
DA "C3'" "O3'"  sing N N 15  
DA "C3'" "C2'"  sing N N 16  
DA "C3'" "H3'"  sing N N 17  
DA "O3'" "HO3'" sing N N 18  
DA "C2'" "C1'"  sing N N 19  
DA "C2'" "H2'"  sing N N 20  
DA "C2'" "H2''" sing N N 21  
DA "C1'" N9     sing N N 22  
DA "C1'" "H1'"  sing N N 23  
DA N9    C8     sing Y N 24  
DA N9    C4     sing Y N 25  
DA C8    N7     doub Y N 26  
DA C8    H8     sing N N 27  
DA N7    C5     sing Y N 28  
DA C5    C6     sing Y N 29  
DA C5    C4     doub Y N 30  
DA C6    N6     sing N N 31  
DA C6    N1     doub Y N 32  
DA N6    H61    sing N N 33  
DA N6    H62    sing N N 34  
DA N1    C2     sing Y N 35  
DA C2    N3     doub Y N 36  
DA C2    H2     sing N N 37  
DA N3    C4     sing Y N 38  
DC OP3   P      sing N N 39  
DC OP3   HOP3   sing N N 40  
DC P     OP1    doub N N 41  
DC P     OP2    sing N N 42  
DC P     "O5'"  sing N N 43  
DC OP2   HOP2   sing N N 44  
DC "O5'" "C5'"  sing N N 45  
DC "C5'" "C4'"  sing N N 46  
DC "C5'" "H5'"  sing N N 47  
DC "C5'" "H5''" sing N N 48  
DC "C4'" "O4'"  sing N N 49  
DC "C4'" "C3'"  sing N N 50  
DC "C4'" "H4'"  sing N N 51  
DC "O4'" "C1'"  sing N N 52  
DC "C3'" "O3'"  sing N N 53  
DC "C3'" "C2'"  sing N N 54  
DC "C3'" "H3'"  sing N N 55  
DC "O3'" "HO3'" sing N N 56  
DC "C2'" "C1'"  sing N N 57  
DC "C2'" "H2'"  sing N N 58  
DC "C2'" "H2''" sing N N 59  
DC "C1'" N1     sing N N 60  
DC "C1'" "H1'"  sing N N 61  
DC N1    C2     sing N N 62  
DC N1    C6     sing N N 63  
DC C2    O2     doub N N 64  
DC C2    N3     sing N N 65  
DC N3    C4     doub N N 66  
DC C4    N4     sing N N 67  
DC C4    C5     sing N N 68  
DC N4    H41    sing N N 69  
DC N4    H42    sing N N 70  
DC C5    C6     doub N N 71  
DC C5    H5     sing N N 72  
DC C6    H6     sing N N 73  
DG OP3   P      sing N N 74  
DG OP3   HOP3   sing N N 75  
DG P     OP1    doub N N 76  
DG P     OP2    sing N N 77  
DG P     "O5'"  sing N N 78  
DG OP2   HOP2   sing N N 79  
DG "O5'" "C5'"  sing N N 80  
DG "C5'" "C4'"  sing N N 81  
DG "C5'" "H5'"  sing N N 82  
DG "C5'" "H5''" sing N N 83  
DG "C4'" "O4'"  sing N N 84  
DG "C4'" "C3'"  sing N N 85  
DG "C4'" "H4'"  sing N N 86  
DG "O4'" "C1'"  sing N N 87  
DG "C3'" "O3'"  sing N N 88  
DG "C3'" "C2'"  sing N N 89  
DG "C3'" "H3'"  sing N N 90  
DG "O3'" "HO3'" sing N N 91  
DG "C2'" "C1'"  sing N N 92  
DG "C2'" "H2'"  sing N N 93  
DG "C2'" "H2''" sing N N 94  
DG "C1'" N9     sing N N 95  
DG "C1'" "H1'"  sing N N 96  
DG N9    C8     sing Y N 97  
DG N9    C4     sing Y N 98  
DG C8    N7     doub Y N 99  
DG C8    H8     sing N N 100 
DG N7    C5     sing Y N 101 
DG C5    C6     sing N N 102 
DG C5    C4     doub Y N 103 
DG C6    O6     doub N N 104 
DG C6    N1     sing N N 105 
DG N1    C2     sing N N 106 
DG N1    H1     sing N N 107 
DG C2    N2     sing N N 108 
DG C2    N3     doub N N 109 
DG N2    H21    sing N N 110 
DG N2    H22    sing N N 111 
DG N3    C4     sing N N 112 
DT OP3   P      sing N N 113 
DT OP3   HOP3   sing N N 114 
DT P     OP1    doub N N 115 
DT P     OP2    sing N N 116 
DT P     "O5'"  sing N N 117 
DT OP2   HOP2   sing N N 118 
DT "O5'" "C5'"  sing N N 119 
DT "C5'" "C4'"  sing N N 120 
DT "C5'" "H5'"  sing N N 121 
DT "C5'" "H5''" sing N N 122 
DT "C4'" "O4'"  sing N N 123 
DT "C4'" "C3'"  sing N N 124 
DT "C4'" "H4'"  sing N N 125 
DT "O4'" "C1'"  sing N N 126 
DT "C3'" "O3'"  sing N N 127 
DT "C3'" "C2'"  sing N N 128 
DT "C3'" "H3'"  sing N N 129 
DT "O3'" "HO3'" sing N N 130 
DT "C2'" "C1'"  sing N N 131 
DT "C2'" "H2'"  sing N N 132 
DT "C2'" "H2''" sing N N 133 
DT "C1'" N1     sing N N 134 
DT "C1'" "H1'"  sing N N 135 
DT N1    C2     sing N N 136 
DT N1    C6     sing N N 137 
DT C2    O2     doub N N 138 
DT C2    N3     sing N N 139 
DT N3    C4     sing N N 140 
DT N3    H3     sing N N 141 
DT C4    O4     doub N N 142 
DT C4    C5     sing N N 143 
DT C5    C7     sing N N 144 
DT C5    C6     doub N N 145 
DT C7    H71    sing N N 146 
DT C7    H72    sing N N 147 
DT C7    H73    sing N N 148 
DT C6    H6     sing N N 149 
# 
loop_
_ndb_struct_conf_na.entry_id 
_ndb_struct_conf_na.feature 
1LAI 'double helix'        
1LAI 'b-form double helix' 
# 
loop_
_ndb_struct_na_base_pair.model_number 
_ndb_struct_na_base_pair.i_label_asym_id 
_ndb_struct_na_base_pair.i_label_comp_id 
_ndb_struct_na_base_pair.i_label_seq_id 
_ndb_struct_na_base_pair.i_symmetry 
_ndb_struct_na_base_pair.j_label_asym_id 
_ndb_struct_na_base_pair.j_label_comp_id 
_ndb_struct_na_base_pair.j_label_seq_id 
_ndb_struct_na_base_pair.j_symmetry 
_ndb_struct_na_base_pair.shear 
_ndb_struct_na_base_pair.stretch 
_ndb_struct_na_base_pair.stagger 
_ndb_struct_na_base_pair.buckle 
_ndb_struct_na_base_pair.propeller 
_ndb_struct_na_base_pair.opening 
_ndb_struct_na_base_pair.pair_number 
_ndb_struct_na_base_pair.pair_name 
_ndb_struct_na_base_pair.i_auth_asym_id 
_ndb_struct_na_base_pair.i_auth_seq_id 
_ndb_struct_na_base_pair.i_PDB_ins_code 
_ndb_struct_na_base_pair.j_auth_asym_id 
_ndb_struct_na_base_pair.j_auth_seq_id 
_ndb_struct_na_base_pair.j_PDB_ins_code 
_ndb_struct_na_base_pair.hbond_type_28 
_ndb_struct_na_base_pair.hbond_type_12 
1 A DC 1  1_555 B DG 13 1_555 0.077  -0.120 0.636  -18.025 -6.776  -3.843 1  A_DC1:DG26_B  A 1  ? B 26 ? 19 1 
1 A DG 2  1_555 B DC 12 1_555 -0.177 -0.078 -0.005 -10.488 -8.001  -1.630 2  A_DG2:DC25_B  A 2  ? B 25 ? 19 1 
1 A DC 3  1_555 B DG 11 1_555 0.125  -0.132 0.197  -1.920  -4.168  -2.239 3  A_DC3:DG24_B  A 3  ? B 24 ? 19 1 
1 A DG 4  1_555 B DC 10 1_555 -0.057 -0.148 0.479  9.750   -10.318 -4.046 4  A_DG4:DC23_B  A 4  ? B 23 ? 19 1 
1 A DG 5  1_555 B DC 9  1_555 -0.169 -0.084 0.245  1.534   -9.851  -2.206 5  A_DG5:DC22_B  A 5  ? B 22 ? 19 1 
1 A DT 6  1_555 B DA 8  1_555 -0.133 -0.179 0.438  -3.220  -18.249 -4.993 6  A_DT6:DA21_B  A 6  ? B 21 ? 20 1 
1 A DG 7  1_555 B DC 7  1_555 -0.171 -0.090 0.141  -6.806  -13.833 -2.032 7  A_DG7:DC20_B  A 7  ? B 20 ? 19 1 
1 A DT 8  1_555 B DA 6  1_555 -0.124 -0.092 0.139  -8.577  -10.264 -1.106 8  A_DT8:DA19_B  A 8  ? B 19 ? 20 1 
1 A DC 9  1_555 B DG 5  1_555 0.118  -0.098 0.569  -16.628 -4.385  -2.574 9  A_DC9:DG18_B  A 9  ? B 18 ? 19 1 
1 A DC 10 1_555 B DG 4  1_555 0.085  -0.144 0.492  -8.519  -10.283 -3.229 10 A_DC10:DG17_B A 10 ? B 17 ? 19 1 
1 A DG 11 1_555 B DC 3  1_555 -0.130 -0.126 0.249  0.330   -5.188  -3.011 11 A_DG11:DC16_B A 11 ? B 16 ? 19 1 
1 A DC 12 1_555 B DG 2  1_555 0.161  -0.091 0.083  8.497   -8.457  -2.397 12 A_DC12:DG15_B A 12 ? B 15 ? 19 1 
1 A DG 13 1_555 B DC 1  1_555 -0.110 -0.120 0.654  16.715  -4.129  -3.739 13 A_DG13:DC14_B A 13 ? B 14 ? 19 1 
# 
loop_
_ndb_struct_na_base_pair_step.model_number 
_ndb_struct_na_base_pair_step.i_label_asym_id_1 
_ndb_struct_na_base_pair_step.i_label_comp_id_1 
_ndb_struct_na_base_pair_step.i_label_seq_id_1 
_ndb_struct_na_base_pair_step.i_symmetry_1 
_ndb_struct_na_base_pair_step.j_label_asym_id_1 
_ndb_struct_na_base_pair_step.j_label_comp_id_1 
_ndb_struct_na_base_pair_step.j_label_seq_id_1 
_ndb_struct_na_base_pair_step.j_symmetry_1 
_ndb_struct_na_base_pair_step.i_label_asym_id_2 
_ndb_struct_na_base_pair_step.i_label_comp_id_2 
_ndb_struct_na_base_pair_step.i_label_seq_id_2 
_ndb_struct_na_base_pair_step.i_symmetry_2 
_ndb_struct_na_base_pair_step.j_label_asym_id_2 
_ndb_struct_na_base_pair_step.j_label_comp_id_2 
_ndb_struct_na_base_pair_step.j_label_seq_id_2 
_ndb_struct_na_base_pair_step.j_symmetry_2 
_ndb_struct_na_base_pair_step.shift 
_ndb_struct_na_base_pair_step.slide 
_ndb_struct_na_base_pair_step.rise 
_ndb_struct_na_base_pair_step.tilt 
_ndb_struct_na_base_pair_step.roll 
_ndb_struct_na_base_pair_step.twist 
_ndb_struct_na_base_pair_step.x_displacement 
_ndb_struct_na_base_pair_step.y_displacement 
_ndb_struct_na_base_pair_step.helical_rise 
_ndb_struct_na_base_pair_step.inclination 
_ndb_struct_na_base_pair_step.tip 
_ndb_struct_na_base_pair_step.helical_twist 
_ndb_struct_na_base_pair_step.step_number 
_ndb_struct_na_base_pair_step.step_name 
_ndb_struct_na_base_pair_step.i_auth_asym_id_1 
_ndb_struct_na_base_pair_step.i_auth_seq_id_1 
_ndb_struct_na_base_pair_step.i_PDB_ins_code_1 
_ndb_struct_na_base_pair_step.j_auth_asym_id_1 
_ndb_struct_na_base_pair_step.j_auth_seq_id_1 
_ndb_struct_na_base_pair_step.j_PDB_ins_code_1 
_ndb_struct_na_base_pair_step.i_auth_asym_id_2 
_ndb_struct_na_base_pair_step.i_auth_seq_id_2 
_ndb_struct_na_base_pair_step.i_PDB_ins_code_2 
_ndb_struct_na_base_pair_step.j_auth_asym_id_2 
_ndb_struct_na_base_pair_step.j_auth_seq_id_2 
_ndb_struct_na_base_pair_step.j_PDB_ins_code_2 
1 A DC 1  1_555 B DG 13 1_555 A DG 2  1_555 B DC 12 1_555 0.584  0.199  2.826 7.268  3.269  39.854 -0.035 -0.128 2.891 4.738  
-10.535 40.612 1  AA_DC1DG2:DC25DG26_BB   A 1  ? B 26 ? A 2  ? B 25 ? 
1 A DG 2  1_555 B DC 12 1_555 A DC 3  1_555 B DG 11 1_555 -0.174 0.367  2.942 -2.921 -1.583 37.780 0.747  -0.069 2.930 -2.440 
4.501   37.921 2  AA_DG2DC3:DG24DC25_BB   A 2  ? B 25 ? A 3  ? B 24 ? 
1 A DC 3  1_555 B DG 11 1_555 A DG 4  1_555 B DC 10 1_555 0.156  -0.058 2.836 0.569  2.110  37.344 -0.332 -0.179 2.831 3.292  
-0.888  37.406 3  AA_DC3DG4:DC23DG24_BB   A 3  ? B 24 ? A 4  ? B 23 ? 
1 A DG 4  1_555 B DC 10 1_555 A DG 5  1_555 B DC 9  1_555 0.417  -0.361 3.294 1.845  3.998  38.826 -1.023 -0.400 3.258 5.991  
-2.765  39.066 4  AA_DG4DG5:DC22DC23_BB   A 4  ? B 23 ? A 5  ? B 22 ? 
1 A DG 5  1_555 B DC 9  1_555 A DT 6  1_555 B DA 8  1_555 -0.445 -0.548 3.267 -0.882 -4.226 35.710 -0.279 0.593  3.317 -6.860 
1.431   35.962 5  AA_DG5DT6:DA21DC22_BB   A 5  ? B 22 ? A 6  ? B 21 ? 
1 A DT 6  1_555 B DA 8  1_555 A DG 7  1_555 B DC 7  1_555 0.470  -0.286 3.204 4.066  3.926  40.007 -0.848 -0.232 3.193 5.704  
-5.908  40.388 6  AA_DT6DG7:DC20DA21_BB   A 6  ? B 21 ? A 7  ? B 20 ? 
1 A DG 7  1_555 B DC 7  1_555 A DT 8  1_555 B DA 6  1_555 0.258  -0.108 3.266 0.025  -1.644 36.391 0.056  -0.410 3.267 -2.630 
-0.040  36.427 7  AA_DG7DT8:DA19DC20_BB   A 7  ? B 20 ? A 8  ? B 19 ? 
1 A DT 8  1_555 B DA 6  1_555 A DC 9  1_555 B DG 5  1_555 -0.219 0.138  3.484 -2.842 5.431  43.082 -0.375 0.002  3.483 7.351  
3.847   43.495 8  AA_DT8DC9:DG18DA19_BB   A 8  ? B 19 ? A 9  ? B 18 ? 
1 A DC 9  1_555 B DG 5  1_555 A DC 10 1_555 B DG 4  1_555 -0.587 0.406  3.009 -2.378 -2.132 36.380 0.920  0.634  3.012 -3.407 
3.800   36.515 9  AA_DC9DC10:DG17DG18_BB  A 9  ? B 18 ? A 10 ? B 17 ? 
1 A DC 10 1_555 B DG 4  1_555 A DG 11 1_555 B DC 3  1_555 0.217  0.069  2.829 1.471  1.861  40.222 -0.082 -0.171 2.835 2.704  
-2.137  40.289 10 AA_DC10DG11:DC16DG17_BB A 10 ? B 17 ? A 11 ? B 16 ? 
1 A DG 11 1_555 B DC 3  1_555 A DC 12 1_555 B DG 2  1_555 0.086  0.196  2.974 2.030  -5.210 37.200 0.918  0.106  2.921 -8.110 
-3.160  37.603 11 AA_DG11DC12:DG15DC16_BB A 11 ? B 16 ? A 12 ? B 15 ? 
1 A DC 12 1_555 B DG 2  1_555 A DG 13 1_555 B DC 1  1_555 -0.285 0.126  2.808 -6.182 1.079  40.739 0.078  -0.172 2.822 1.539  
8.816   41.199 12 AA_DC12DG13:DC14DG15_BB A 12 ? B 15 ? A 13 ? B 14 ? 
# 
_pdbx_nmr_spectrometer.spectrometer_id   1 
_pdbx_nmr_spectrometer.type              ? 
_pdbx_nmr_spectrometer.manufacturer      Bruker 
_pdbx_nmr_spectrometer.model             DRX 
_pdbx_nmr_spectrometer.field_strength    500 
# 
_atom_sites.entry_id                    1LAI 
_atom_sites.fract_transf_matrix[1][1]   1.000000 
_atom_sites.fract_transf_matrix[1][2]   0.000000 
_atom_sites.fract_transf_matrix[1][3]   0.000000 
_atom_sites.fract_transf_matrix[2][1]   0.000000 
_atom_sites.fract_transf_matrix[2][2]   1.000000 
_atom_sites.fract_transf_matrix[2][3]   0.000000 
_atom_sites.fract_transf_matrix[3][1]   0.000000 
_atom_sites.fract_transf_matrix[3][2]   0.000000 
_atom_sites.fract_transf_matrix[3][3]   1.000000 
_atom_sites.fract_transf_vector[1]      0.00000 
_atom_sites.fract_transf_vector[2]      0.00000 
_atom_sites.fract_transf_vector[3]      0.00000 
# 
loop_
_atom_type.symbol 
C 
H 
N 
O 
P 
# 
loop_
_atom_site.group_PDB 
_atom_site.id 
_atom_site.type_symbol 
_atom_site.label_atom_id 
_atom_site.label_alt_id 
_atom_site.label_comp_id 
_atom_site.label_asym_id 
_atom_site.label_entity_id 
_atom_site.label_seq_id 
_atom_site.pdbx_PDB_ins_code 
_atom_site.Cartn_x 
_atom_site.Cartn_y 
_atom_site.Cartn_z 
_atom_site.occupancy 
_atom_site.B_iso_or_equiv 
_atom_site.pdbx_formal_charge 
_atom_site.auth_seq_id 
_atom_site.auth_comp_id 
_atom_site.auth_asym_id 
_atom_site.auth_atom_id 
_atom_site.pdbx_PDB_model_num 
ATOM 1   O "O5'"  . DC A 1 1  ? 6.570   -19.155 5.110   1.00 1.41 ? 1  DC A "O5'"  1 
ATOM 2   C "C5'"  . DC A 1 1  ? 6.147   -20.091 6.104   1.00 1.51 ? 1  DC A "C5'"  1 
ATOM 3   C "C4'"  . DC A 1 1  ? 5.579   -19.387 7.335   1.00 1.41 ? 1  DC A "C4'"  1 
ATOM 4   O "O4'"  . DC A 1 1  ? 6.558   -18.483 7.922   1.00 1.27 ? 1  DC A "O4'"  1 
ATOM 5   C "C3'"  . DC A 1 1  ? 4.375   -18.534 6.973   1.00 1.37 ? 1  DC A "C3'"  1 
ATOM 6   O "O3'"  . DC A 1 1  ? 3.413   -18.520 8.038   1.00 1.39 ? 1  DC A "O3'"  1 
ATOM 7   C "C2'"  . DC A 1 1  ? 4.977   -17.180 6.749   1.00 1.20 ? 1  DC A "C2'"  1 
ATOM 8   C "C1'"  . DC A 1 1  ? 6.108   -17.114 7.746   1.00 1.13 ? 1  DC A "C1'"  1 
ATOM 9   N N1     . DC A 1 1  ? 7.204   -16.244 7.267   1.00 1.01 ? 1  DC A N1     1 
ATOM 10  C C2     . DC A 1 1  ? 7.593   -15.185 8.077   1.00 0.87 ? 1  DC A C2     1 
ATOM 11  O O2     . DC A 1 1  ? 7.025   -14.980 9.148   1.00 0.85 ? 1  DC A O2     1 
ATOM 12  N N3     . DC A 1 1  ? 8.610   -14.387 7.648   1.00 0.78 ? 1  DC A N3     1 
ATOM 13  C C4     . DC A 1 1  ? 9.218   -14.615 6.476   1.00 0.82 ? 1  DC A C4     1 
ATOM 14  N N4     . DC A 1 1  ? 10.212  -13.817 6.087   1.00 0.75 ? 1  DC A N4     1 
ATOM 15  C C5     . DC A 1 1  ? 8.817   -15.704 5.640   1.00 0.96 ? 1  DC A C5     1 
ATOM 16  C C6     . DC A 1 1  ? 7.812   -16.487 6.073   1.00 1.05 ? 1  DC A C6     1 
ATOM 17  H "H5'"  . DC A 1 1  ? 7.000   -20.699 6.406   1.00 1.56 ? 1  DC A "H5'"  1 
ATOM 18  H "H5''" . DC A 1 1  ? 5.381   -20.739 5.680   1.00 1.61 ? 1  DC A "H5''" 1 
ATOM 19  H "H4'"  . DC A 1 1  ? 5.289   -20.129 8.077   1.00 1.49 ? 1  DC A "H4'"  1 
ATOM 20  H "H3'"  . DC A 1 1  ? 3.920   -18.900 6.050   1.00 1.46 ? 1  DC A "H3'"  1 
ATOM 21  H "H2'"  . DC A 1 1  ? 5.348   -17.103 5.736   1.00 1.20 ? 1  DC A "H2'"  1 
ATOM 22  H "H2''" . DC A 1 1  ? 4.260   -16.397 6.940   1.00 1.15 ? 1  DC A "H2''" 1 
ATOM 23  H "H1'"  . DC A 1 1  ? 5.728   -16.734 8.692   1.00 1.09 ? 1  DC A "H1'"  1 
ATOM 24  H H41    . DC A 1 1  ? 10.501  -13.045 6.673   1.00 0.67 ? 1  DC A H41    1 
ATOM 25  H H42    . DC A 1 1  ? 10.678  -13.982 5.207   1.00 0.78 ? 1  DC A H42    1 
ATOM 26  H H5     . DC A 1 1  ? 9.307   -15.892 4.685   1.00 1.00 ? 1  DC A H5     1 
ATOM 27  H H6     . DC A 1 1  ? 7.475   -17.321 5.463   1.00 1.17 ? 1  DC A H6     1 
ATOM 28  H "HO5'" . DC A 1 1  ? 6.902   -19.661 4.364   1.00 1.65 ? 1  DC A "HO5'" 1 
ATOM 29  P P      . DG A 1 2  ? 2.074   -17.629 7.934   1.00 1.38 ? 2  DG A P      1 
ATOM 30  O OP1    . DG A 1 2  ? 1.020   -18.285 8.740   1.00 1.98 ? 2  DG A OP1    1 
ATOM 31  O OP2    . DG A 1 2  ? 1.825   -17.323 6.507   1.00 1.90 ? 2  DG A OP2    1 
ATOM 32  O "O5'"  . DG A 1 2  ? 2.505   -16.266 8.675   1.00 1.20 ? 2  DG A "O5'"  1 
ATOM 33  C "C5'"  . DG A 1 2  ? 2.531   -16.193 10.104  1.00 1.19 ? 2  DG A "C5'"  1 
ATOM 34  C "C4'"  . DG A 1 2  ? 2.647   -14.752 10.591  1.00 1.08 ? 2  DG A "C4'"  1 
ATOM 35  O "O4'"  . DG A 1 2  ? 3.915   -14.170 10.193  1.00 0.95 ? 2  DG A "O4'"  1 
ATOM 36  C "C3'"  . DG A 1 2  ? 1.535   -13.892 10.001  1.00 1.11 ? 2  DG A "C3'"  1 
ATOM 37  O "O3'"  . DG A 1 2  ? 0.907   -13.114 11.039  1.00 1.12 ? 2  DG A "O3'"  1 
ATOM 38  C "C2'"  . DG A 1 2  ? 2.228   -13.021 8.986   1.00 1.00 ? 2  DG A "C2'"  1 
ATOM 39  C "C1'"  . DG A 1 2  ? 3.678   -12.976 9.420   1.00 0.88 ? 2  DG A "C1'"  1 
ATOM 40  N N9     . DG A 1 2  ? 4.594   -12.891 8.272   1.00 0.80 ? 2  DG A N9     1 
ATOM 41  C C8     . DG A 1 2  ? 4.535   -13.512 7.079   1.00 0.86 ? 2  DG A C8     1 
ATOM 42  N N7     . DG A 1 2  ? 5.482   -13.281 6.231   1.00 0.78 ? 2  DG A N7     1 
ATOM 43  C C5     . DG A 1 2  ? 6.285   -12.384 6.943   1.00 0.65 ? 2  DG A C5     1 
ATOM 44  C C6     . DG A 1 2  ? 7.495   -11.743 6.564   1.00 0.53 ? 2  DG A C6     1 
ATOM 45  O O6     . DG A 1 2  ? 8.114   -11.842 5.508   1.00 0.52 ? 2  DG A O6     1 
ATOM 46  N N1     . DG A 1 2  ? 7.974   -10.920 7.577   1.00 0.45 ? 2  DG A N1     1 
ATOM 47  C C2     . DG A 1 2  ? 7.369   -10.732 8.802   1.00 0.48 ? 2  DG A C2     1 
ATOM 48  N N2     . DG A 1 2  ? 7.977   -9.893  9.642   1.00 0.43 ? 2  DG A N2     1 
ATOM 49  N N3     . DG A 1 2  ? 6.231   -11.332 9.166   1.00 0.58 ? 2  DG A N3     1 
ATOM 50  C C4     . DG A 1 2  ? 5.746   -12.140 8.196   1.00 0.67 ? 2  DG A C4     1 
ATOM 51  H "H5'"  . DG A 1 2  ? 3.383   -16.764 10.476  1.00 1.18 ? 2  DG A "H5'"  1 
ATOM 52  H "H5''" . DG A 1 2  ? 1.612   -16.627 10.498  1.00 1.28 ? 2  DG A "H5''" 1 
ATOM 53  H "H4'"  . DG A 1 2  ? 2.574   -14.734 11.679  1.00 1.09 ? 2  DG A "H4'"  1 
ATOM 54  H "H3'"  . DG A 1 2  ? 0.797   -14.527 9.505   1.00 1.21 ? 2  DG A "H3'"  1 
ATOM 55  H "H2'"  . DG A 1 2  ? 2.146   -13.473 7.997   1.00 1.04 ? 2  DG A "H2'"  1 
ATOM 56  H "H2''" . DG A 1 2  ? 1.801   -12.027 8.977   1.00 0.99 ? 2  DG A "H2''" 1 
ATOM 57  H "H1'"  . DG A 1 2  ? 3.825   -12.110 10.051  1.00 0.82 ? 2  DG A "H1'"  1 
ATOM 58  H H8     . DG A 1 2  ? 3.709   -14.173 6.844   1.00 0.98 ? 2  DG A H8     1 
ATOM 59  H H1     . DG A 1 2  ? 8.838   -10.435 7.380   1.00 0.40 ? 2  DG A H1     1 
ATOM 60  H H21    . DG A 1 2  ? 8.836   -9.440  9.369   1.00 0.39 ? 2  DG A H21    1 
ATOM 61  H H22    . DG A 1 2  ? 7.577   -9.711  10.551  1.00 0.45 ? 2  DG A H22    1 
ATOM 62  P P      . DC A 1 3  ? 0.044   -11.783 10.724  1.00 1.13 ? 3  DC A P      1 
ATOM 63  O OP1    . DC A 1 3  ? -1.071  -11.718 11.695  1.00 1.90 ? 3  DC A OP1    1 
ATOM 64  O OP2    . DC A 1 3  ? -0.241  -11.737 9.271   1.00 1.60 ? 3  DC A OP2    1 
ATOM 65  O "O5'"  . DC A 1 3  ? 1.086   -10.601 11.073  1.00 1.00 ? 3  DC A "O5'"  1 
ATOM 66  C "C5'"  . DC A 1 3  ? 1.610   -10.469 12.400  1.00 0.97 ? 3  DC A "C5'"  1 
ATOM 67  C "C4'"  . DC A 1 3  ? 2.570   -9.284  12.529  1.00 0.85 ? 3  DC A "C4'"  1 
ATOM 68  O "O4'"  . DC A 1 3  ? 3.673   -9.394  11.592  1.00 0.74 ? 3  DC A "O4'"  1 
ATOM 69  C "C3'"  . DC A 1 3  ? 1.869   -7.964  12.242  1.00 0.89 ? 3  DC A "C3'"  1 
ATOM 70  O "O3'"  . DC A 1 3  ? 2.275   -6.951  13.173  1.00 0.87 ? 3  DC A "O3'"  1 
ATOM 71  C "C2'"  . DC A 1 3  ? 2.287   -7.622  10.842  1.00 0.83 ? 3  DC A "C2'"  1 
ATOM 72  C "C1'"  . DC A 1 3  ? 3.645   -8.275  10.671  1.00 0.70 ? 3  DC A "C1'"  1 
ATOM 73  N N1     . DC A 1 3  ? 3.856   -8.733  9.278   1.00 0.67 ? 3  DC A N1     1 
ATOM 74  C C2     . DC A 1 3  ? 5.023   -8.336  8.635   1.00 0.54 ? 3  DC A C2     1 
ATOM 75  O O2     . DC A 1 3  ? 5.826   -7.598  9.203   1.00 0.48 ? 3  DC A O2     1 
ATOM 76  N N3     . DC A 1 3  ? 5.243   -8.783  7.368   1.00 0.52 ? 3  DC A N3     1 
ATOM 77  C C4     . DC A 1 3  ? 4.362   -9.583  6.756   1.00 0.62 ? 3  DC A C4     1 
ATOM 78  N N4     . DC A 1 3  ? 4.613   -10.008 5.516   1.00 0.61 ? 3  DC A N4     1 
ATOM 79  C C5     . DC A 1 3  ? 3.161   -9.993  7.414   1.00 0.76 ? 3  DC A C5     1 
ATOM 80  C C6     . DC A 1 3  ? 2.949   -9.544  8.665   1.00 0.77 ? 3  DC A C6     1 
ATOM 81  H "H5'"  . DC A 1 3  ? 2.143   -11.383 12.661  1.00 0.97 ? 3  DC A "H5'"  1 
ATOM 82  H "H5''" . DC A 1 3  ? 0.783   -10.332 13.096  1.00 1.06 ? 3  DC A "H5''" 1 
ATOM 83  H "H4'"  . DC A 1 3  ? 2.970   -9.261  13.542  1.00 0.83 ? 3  DC A "H4'"  1 
ATOM 84  H "H3'"  . DC A 1 3  ? 0.785   -8.103  12.283  1.00 1.00 ? 3  DC A "H3'"  1 
ATOM 85  H "H2'"  . DC A 1 3  ? 1.573   -8.031  10.128  1.00 0.89 ? 3  DC A "H2'"  1 
ATOM 86  H "H2''" . DC A 1 3  ? 2.369   -6.546  10.720  1.00 0.83 ? 3  DC A "H2''" 1 
ATOM 87  H "H1'"  . DC A 1 3  ? 4.425   -7.563  10.943  1.00 0.64 ? 3  DC A "H1'"  1 
ATOM 88  H H41    . DC A 1 3  ? 5.460   -9.722  5.046   1.00 0.52 ? 3  DC A H41    1 
ATOM 89  H H42    . DC A 1 3  ? 3.957   -10.615 5.048   1.00 0.71 ? 3  DC A H42    1 
ATOM 90  H H5     . DC A 1 3  ? 2.449   -10.660 6.926   1.00 0.86 ? 3  DC A H5     1 
ATOM 91  H H6     . DC A 1 3  ? 2.034   -9.815  9.188   1.00 0.88 ? 3  DC A H6     1 
ATOM 92  P P      . DG A 1 4  ? 1.766   -5.427  13.021  1.00 0.94 ? 4  DG A P      1 
ATOM 93  O OP1    . DG A 1 4  ? 1.718   -4.818  14.369  1.00 1.88 ? 4  DG A OP1    1 
ATOM 94  O OP2    . DG A 1 4  ? 0.555   -5.421  12.168  1.00 1.34 ? 4  DG A OP2    1 
ATOM 95  O "O5'"  . DG A 1 4  ? 2.966   -4.737  12.196  1.00 0.81 ? 4  DG A "O5'"  1 
ATOM 96  C "C5'"  . DG A 1 4  ? 4.219   -4.469  12.832  1.00 0.77 ? 4  DG A "C5'"  1 
ATOM 97  C "C4'"  . DG A 1 4  ? 5.121   -3.583  11.972  1.00 0.71 ? 4  DG A "C4'"  1 
ATOM 98  O "O4'"  . DG A 1 4  ? 5.463   -4.230  10.712  1.00 0.63 ? 4  DG A "O4'"  1 
ATOM 99  C "C3'"  . DG A 1 4  ? 4.435   -2.275  11.612  1.00 0.78 ? 4  DG A "C3'"  1 
ATOM 100 O "O3'"  . DG A 1 4  ? 5.376   -1.189  11.610  1.00 0.78 ? 4  DG A "O3'"  1 
ATOM 101 C "C2'"  . DG A 1 4  ? 3.886   -2.548  10.243  1.00 0.75 ? 4  DG A "C2'"  1 
ATOM 102 C "C1'"  . DG A 1 4  ? 4.928   -3.444  9.614   1.00 0.65 ? 4  DG A "C1'"  1 
ATOM 103 N N9     . DG A 1 4  ? 4.353   -4.313  8.564   1.00 0.63 ? 4  DG A N9     1 
ATOM 104 C C8     . DG A 1 4  ? 3.145   -4.930  8.505   1.00 0.67 ? 4  DG A C8     1 
ATOM 105 N N7     . DG A 1 4  ? 2.902   -5.673  7.480   1.00 0.64 ? 4  DG A N7     1 
ATOM 106 C C5     . DG A 1 4  ? 4.085   -5.548  6.748   1.00 0.56 ? 4  DG A C5     1 
ATOM 107 C C6     . DG A 1 4  ? 4.451   -6.129  5.506   1.00 0.50 ? 4  DG A C6     1 
ATOM 108 O O6     . DG A 1 4  ? 3.794   -6.889  4.799   1.00 0.50 ? 4  DG A O6     1 
ATOM 109 N N1     . DG A 1 4  ? 5.727   -5.742  5.118   1.00 0.45 ? 4  DG A N1     1 
ATOM 110 C C2     . DG A 1 4  ? 6.556   -4.903  5.834   1.00 0.46 ? 4  DG A C2     1 
ATOM 111 N N2     . DG A 1 4  ? 7.744   -4.639  5.290   1.00 0.43 ? 4  DG A N2     1 
ATOM 112 N N3     . DG A 1 4  ? 6.221   -4.353  7.005   1.00 0.51 ? 4  DG A N3     1 
ATOM 113 C C4     . DG A 1 4  ? 4.979   -4.714  7.403   1.00 0.56 ? 4  DG A C4     1 
ATOM 114 H "H5'"  . DG A 1 4  ? 4.730   -5.413  13.023  1.00 0.73 ? 4  DG A "H5'"  1 
ATOM 115 H "H5''" . DG A 1 4  ? 4.034   -3.967  13.782  1.00 0.85 ? 4  DG A "H5''" 1 
ATOM 116 H "H4'"  . DG A 1 4  ? 6.038   -3.369  12.519  1.00 0.70 ? 4  DG A "H4'"  1 
ATOM 117 H "H3'"  . DG A 1 4  ? 3.619   -2.076  12.312  1.00 0.84 ? 4  DG A "H3'"  1 
ATOM 118 H "H2'"  . DG A 1 4  ? 2.930   -3.066  10.319  1.00 0.78 ? 4  DG A "H2'"  1 
ATOM 119 H "H2''" . DG A 1 4  ? 3.777   -1.626  9.675   1.00 0.78 ? 4  DG A "H2''" 1 
ATOM 120 H "H1'"  . DG A 1 4  ? 5.722   -2.830  9.188   1.00 0.64 ? 4  DG A "H1'"  1 
ATOM 121 H H8     . DG A 1 4  ? 2.400   -4.788  9.286   1.00 0.74 ? 4  DG A H8     1 
ATOM 122 H H1     . DG A 1 4  ? 6.056   -6.119  4.241   1.00 0.41 ? 4  DG A H1     1 
ATOM 123 H H21    . DG A 1 4  ? 7.998   -5.054  4.404   1.00 0.40 ? 4  DG A H21    1 
ATOM 124 H H22    . DG A 1 4  ? 8.391   -4.024  5.763   1.00 0.45 ? 4  DG A H22    1 
ATOM 125 P P      . DG A 1 5  ? 5.004   0.247   10.974  1.00 0.84 ? 5  DG A P      1 
ATOM 126 O OP1    . DG A 1 5  ? 5.681   1.294   11.774  1.00 1.94 ? 5  DG A OP1    1 
ATOM 127 O OP2    . DG A 1 5  ? 3.540   0.307   10.769  1.00 1.04 ? 5  DG A OP2    1 
ATOM 128 O "O5'"  . DG A 1 5  ? 5.715   0.177   9.530   1.00 0.77 ? 5  DG A "O5'"  1 
ATOM 129 C "C5'"  . DG A 1 5  ? 7.142   0.182   9.425   1.00 0.75 ? 5  DG A "C5'"  1 
ATOM 130 C "C4'"  . DG A 1 5  ? 7.605   0.363   7.981   1.00 0.71 ? 5  DG A "C4'"  1 
ATOM 131 O "O4'"  . DG A 1 5  ? 7.187   -0.755  7.150   1.00 0.66 ? 5  DG A "O4'"  1 
ATOM 132 C "C3'"  . DG A 1 5  ? 7.010   1.625   7.371   1.00 0.73 ? 5  DG A "C3'"  1 
ATOM 133 O "O3'"  . DG A 1 5  ? 8.003   2.341   6.617   1.00 0.73 ? 5  DG A "O3'"  1 
ATOM 134 C "C2'"  . DG A 1 5  ? 5.901   1.115   6.494   1.00 0.70 ? 5  DG A "C2'"  1 
ATOM 135 C "C1'"  . DG A 1 5  ? 6.346   -0.270  6.079   1.00 0.66 ? 5  DG A "C1'"  1 
ATOM 136 N N9     . DG A 1 5  ? 5.193   -1.164  5.850   1.00 0.65 ? 5  DG A N9     1 
ATOM 137 C C8     . DG A 1 5  ? 4.088   -1.368  6.609   1.00 0.67 ? 5  DG A C8     1 
ATOM 138 N N7     . DG A 1 5  ? 3.217   -2.219  6.184   1.00 0.66 ? 5  DG A N7     1 
ATOM 139 C C5     . DG A 1 5  ? 3.798   -2.649  4.988   1.00 0.61 ? 5  DG A C5     1 
ATOM 140 C C6     . DG A 1 5  ? 3.328   -3.595  4.037   1.00 0.58 ? 5  DG A C6     1 
ATOM 141 O O6     . DG A 1 5  ? 2.294   -4.259  4.069   1.00 0.58 ? 5  DG A O6     1 
ATOM 142 N N1     . DG A 1 5  ? 4.213   -3.734  2.976   1.00 0.55 ? 5  DG A N1     1 
ATOM 143 C C2     . DG A 1 5  ? 5.405   -3.051  2.840   1.00 0.54 ? 5  DG A C2     1 
ATOM 144 N N2     . DG A 1 5  ? 6.118   -3.318  1.745   1.00 0.52 ? 5  DG A N2     1 
ATOM 145 N N3     . DG A 1 5  ? 5.855   -2.162  3.730   1.00 0.57 ? 5  DG A N3     1 
ATOM 146 C C4     . DG A 1 5  ? 5.008   -2.008  4.774   1.00 0.60 ? 5  DG A C4     1 
ATOM 147 H "H5'"  . DG A 1 5  ? 7.531   -0.762  9.806   1.00 0.74 ? 5  DG A "H5'"  1 
ATOM 148 H "H5''" . DG A 1 5  ? 7.539   0.999   10.028  1.00 0.80 ? 5  DG A "H5''" 1 
ATOM 149 H "H4'"  . DG A 1 5  ? 8.691   0.433   7.959   1.00 0.71 ? 5  DG A "H4'"  1 
ATOM 150 H "H3'"  . DG A 1 5  ? 6.599   2.261   8.159   1.00 0.76 ? 5  DG A "H3'"  1 
ATOM 151 H "H2'"  . DG A 1 5  ? 4.974   1.057   7.064   1.00 0.72 ? 5  DG A "H2'"  1 
ATOM 152 H "H2''" . DG A 1 5  ? 5.771   1.753   5.626   1.00 0.70 ? 5  DG A "H2''" 1 
ATOM 153 H "H1'"  . DG A 1 5  ? 6.937   -0.197  5.164   1.00 0.65 ? 5  DG A "H1'"  1 
ATOM 154 H H8     . DG A 1 5  ? 3.939   -0.824  7.542   1.00 0.71 ? 5  DG A H8     1 
ATOM 155 H H1     . DG A 1 5  ? 3.942   -4.392  2.258   1.00 0.53 ? 5  DG A H1     1 
ATOM 156 H H21    . DG A 1 5  ? 5.776   -3.987  1.069   1.00 0.50 ? 5  DG A H21    1 
ATOM 157 H H22    . DG A 1 5  ? 6.997   -2.847  1.588   1.00 0.52 ? 5  DG A H22    1 
ATOM 158 P P      . DT A 1 6  ? 7.602   3.486   5.551   1.00 0.74 ? 6  DT A P      1 
ATOM 159 O OP1    . DT A 1 6  ? 8.665   4.517   5.557   1.00 1.90 ? 6  DT A OP1    1 
ATOM 160 O OP2    . DT A 1 6  ? 6.193   3.879   5.788   1.00 0.92 ? 6  DT A OP2    1 
ATOM 161 O "O5'"  . DT A 1 6  ? 7.676   2.694   4.150   1.00 0.67 ? 6  DT A "O5'"  1 
ATOM 162 C "C5'"  . DT A 1 6  ? 8.913   2.123   3.712   1.00 0.67 ? 6  DT A "C5'"  1 
ATOM 163 C "C4'"  . DT A 1 6  ? 8.818   1.548   2.301   1.00 0.61 ? 6  DT A "C4'"  1 
ATOM 164 O "O4'"  . DT A 1 6  ? 7.836   0.478   2.223   1.00 0.57 ? 6  DT A "O4'"  1 
ATOM 165 C "C3'"  . DT A 1 6  ? 8.406   2.609   1.290   1.00 0.60 ? 6  DT A "C3'"  1 
ATOM 166 O "O3'"  . DT A 1 6  ? 9.180   2.505   0.086   1.00 0.58 ? 6  DT A "O3'"  1 
ATOM 167 C "C2'"  . DT A 1 6  ? 6.957   2.321   1.038   1.00 0.56 ? 6  DT A "C2'"  1 
ATOM 168 C "C1'"  . DT A 1 6  ? 6.829   0.827   1.245   1.00 0.54 ? 6  DT A "C1'"  1 
ATOM 169 N N1     . DT A 1 6  ? 5.472   0.463   1.704   1.00 0.53 ? 6  DT A N1     1 
ATOM 170 C C2     . DT A 1 6  ? 4.776   -0.481  0.969   1.00 0.49 ? 6  DT A C2     1 
ATOM 171 O O2     . DT A 1 6  ? 5.260   -1.037  -0.015  1.00 0.47 ? 6  DT A O2     1 
ATOM 172 N N3     . DT A 1 6  ? 3.497   -0.766  1.406   1.00 0.50 ? 6  DT A N3     1 
ATOM 173 C C4     . DT A 1 6  ? 2.862   -0.195  2.493   1.00 0.53 ? 6  DT A C4     1 
ATOM 174 O O4     . DT A 1 6  ? 1.718   -0.527  2.795   1.00 0.53 ? 6  DT A O4     1 
ATOM 175 C C5     . DT A 1 6  ? 3.666   0.778   3.196   1.00 0.56 ? 6  DT A C5     1 
ATOM 176 C C7     . DT A 1 6  ? 3.085   1.524   4.388   1.00 0.61 ? 6  DT A C7     1 
ATOM 177 C C6     . DT A 1 6  ? 4.913   1.067   2.797   1.00 0.56 ? 6  DT A C6     1 
ATOM 178 H "H5'"  . DT A 1 6  ? 9.197   1.326   4.400   1.00 0.68 ? 6  DT A "H5'"  1 
ATOM 179 H "H5''" . DT A 1 6  ? 9.684   2.896   3.728   1.00 0.71 ? 6  DT A "H5''" 1 
ATOM 180 H "H4'"  . DT A 1 6  ? 9.789   1.151   2.013   1.00 0.61 ? 6  DT A "H4'"  1 
ATOM 181 H "H3'"  . DT A 1 6  ? 8.518   3.603   1.729   1.00 0.64 ? 6  DT A "H3'"  1 
ATOM 182 H "H2'"  . DT A 1 6  ? 6.332   2.865   1.751   1.00 0.58 ? 6  DT A "H2'"  1 
ATOM 183 H "H2''" . DT A 1 6  ? 6.690   2.585   0.020   1.00 0.54 ? 6  DT A "H2''" 1 
ATOM 184 H "H1'"  . DT A 1 6  ? 7.045   0.315   0.306   1.00 0.51 ? 6  DT A "H1'"  1 
ATOM 185 H H3     . DT A 1 6  ? 2.981   -1.460  0.886   1.00 0.48 ? 6  DT A H3     1 
ATOM 186 H H71    . DT A 1 6  ? 3.142   2.598   4.202   1.00 1.04 ? 6  DT A H71    1 
ATOM 187 H H72    . DT A 1 6  ? 3.659   1.281   5.280   1.00 1.31 ? 6  DT A H72    1 
ATOM 188 H H73    . DT A 1 6  ? 2.048   1.232   4.528   1.00 1.21 ? 6  DT A H73    1 
ATOM 189 H H6     . DT A 1 6  ? 5.498   1.781   3.371   1.00 0.60 ? 6  DT A H6     1 
ATOM 190 P P      . DG A 1 7  ? 8.841   3.420   -1.199  1.00 0.57 ? 7  DG A P      1 
ATOM 191 O OP1    . DG A 1 7  ? 10.073  3.553   -2.009  1.00 1.70 ? 7  DG A OP1    1 
ATOM 192 O OP2    . DG A 1 7  ? 8.131   4.633   -0.736  1.00 1.09 ? 7  DG A OP2    1 
ATOM 193 O "O5'"  . DG A 1 7  ? 7.796   2.504   -2.015  1.00 0.47 ? 7  DG A "O5'"  1 
ATOM 194 C "C5'"  . DG A 1 7  ? 8.255   1.379   -2.772  1.00 0.45 ? 7  DG A "C5'"  1 
ATOM 195 C "C4'"  . DG A 1 7  ? 7.195   0.877   -3.750  1.00 0.44 ? 7  DG A "C4'"  1 
ATOM 196 O "O4'"  . DG A 1 7  ? 6.028   0.364   -3.052  1.00 0.44 ? 7  DG A "O4'"  1 
ATOM 197 C "C3'"  . DG A 1 7  ? 6.716   1.998   -4.665  1.00 0.45 ? 7  DG A "C3'"  1 
ATOM 198 O "O3'"  . DG A 1 7  ? 6.638   1.544   -6.027  1.00 0.45 ? 7  DG A "O3'"  1 
ATOM 199 C "C2'"  . DG A 1 7  ? 5.366   2.360   -4.118  1.00 0.46 ? 7  DG A "C2'"  1 
ATOM 200 C "C1'"  . DG A 1 7  ? 4.853   1.085   -3.489  1.00 0.46 ? 7  DG A "C1'"  1 
ATOM 201 N N9     . DG A 1 7  ? 3.938   1.363   -2.362  1.00 0.47 ? 7  DG A N9     1 
ATOM 202 C C8     . DG A 1 7  ? 4.049   2.265   -1.356  1.00 0.49 ? 7  DG A C8     1 
ATOM 203 N N7     . DG A 1 7  ? 3.114   2.289   -0.466  1.00 0.50 ? 7  DG A N7     1 
ATOM 204 C C5     . DG A 1 7  ? 2.260   1.281   -0.923  1.00 0.49 ? 7  DG A C5     1 
ATOM 205 C C6     . DG A 1 7  ? 1.036   0.811   -0.378  1.00 0.50 ? 7  DG A C6     1 
ATOM 206 O O6     . DG A 1 7  ? 0.459   1.189   0.639   1.00 0.51 ? 7  DG A O6     1 
ATOM 207 N N1     . DG A 1 7  ? 0.495   -0.211  -1.146  1.00 0.50 ? 7  DG A N1     1 
ATOM 208 C C2     . DG A 1 7  ? 1.058   -0.723  -2.299  1.00 0.49 ? 7  DG A C2     1 
ATOM 209 N N2     . DG A 1 7  ? 0.383   -1.699  -2.905  1.00 0.50 ? 7  DG A N2     1 
ATOM 210 N N3     . DG A 1 7  ? 2.210   -0.287  -2.817  1.00 0.48 ? 7  DG A N3     1 
ATOM 211 C C4     . DG A 1 7  ? 2.756   0.710   -2.084  1.00 0.48 ? 7  DG A C4     1 
ATOM 212 H "H5'"  . DG A 1 7  ? 8.515   0.572   -2.086  1.00 0.44 ? 7  DG A "H5'"  1 
ATOM 213 H "H5''" . DG A 1 7  ? 9.144   1.668   -3.332  1.00 0.47 ? 7  DG A "H5''" 1 
ATOM 214 H "H4'"  . DG A 1 7  ? 7.620   0.080   -4.358  1.00 0.44 ? 7  DG A "H4'"  1 
ATOM 215 H "H3'"  . DG A 1 7  ? 7.385   2.856   -4.589  1.00 0.46 ? 7  DG A "H3'"  1 
ATOM 216 H "H2'"  . DG A 1 7  ? 5.469   3.139   -3.363  1.00 0.47 ? 7  DG A "H2'"  1 
ATOM 217 H "H2''" . DG A 1 7  ? 4.708   2.688   -4.913  1.00 0.48 ? 7  DG A "H2''" 1 
ATOM 218 H "H1'"  . DG A 1 7  ? 4.329   0.497   -4.245  1.00 0.47 ? 7  DG A "H1'"  1 
ATOM 219 H H8     . DG A 1 7  ? 4.888   2.958   -1.311  1.00 0.50 ? 7  DG A H8     1 
ATOM 220 H H1     . DG A 1 7  ? -0.376  -0.601  -0.815  1.00 0.51 ? 7  DG A H1     1 
ATOM 221 H H21    . DG A 1 7  ? -0.489  -2.028  -2.515  1.00 0.51 ? 7  DG A H21    1 
ATOM 222 H H22    . DG A 1 7  ? 0.741   -2.109  -3.755  1.00 0.50 ? 7  DG A H22    1 
ATOM 223 P P      . DT A 1 8  ? 5.835   2.375   -7.154  1.00 0.50 ? 8  DT A P      1 
ATOM 224 O OP1    . DT A 1 8  ? 6.489   2.134   -8.461  1.00 1.60 ? 8  DT A OP1    1 
ATOM 225 O OP2    . DT A 1 8  ? 5.645   3.761   -6.671  1.00 1.13 ? 8  DT A OP2    1 
ATOM 226 O "O5'"  . DT A 1 8  ? 4.399   1.644   -7.167  1.00 0.48 ? 8  DT A "O5'"  1 
ATOM 227 C "C5'"  . DT A 1 8  ? 4.299   0.261   -7.522  1.00 0.51 ? 8  DT A "C5'"  1 
ATOM 228 C "C4'"  . DT A 1 8  ? 2.850   -0.224  -7.547  1.00 0.50 ? 8  DT A "C4'"  1 
ATOM 229 O "O4'"  . DT A 1 8  ? 2.216   -0.072  -6.245  1.00 0.49 ? 8  DT A "O4'"  1 
ATOM 230 C "C3'"  . DT A 1 8  ? 2.015   0.573   -8.542  1.00 0.48 ? 8  DT A "C3'"  1 
ATOM 231 O "O3'"  . DT A 1 8  ? 1.118   -0.286  -9.265  1.00 0.50 ? 8  DT A "O3'"  1 
ATOM 232 C "C2'"  . DT A 1 8  ? 1.269   1.542   -7.671  1.00 0.46 ? 8  DT A "C2'"  1 
ATOM 233 C "C1'"  . DT A 1 8  ? 1.049   0.772   -6.388  1.00 0.47 ? 8  DT A "C1'"  1 
ATOM 234 N N1     . DT A 1 8  ? 0.866   1.663   -5.215  1.00 0.46 ? 8  DT A N1     1 
ATOM 235 C C2     . DT A 1 8  ? -0.229  1.421   -4.401  1.00 0.46 ? 8  DT A C2     1 
ATOM 236 O O2     . DT A 1 8  ? -1.035  0.522   -4.633  1.00 0.47 ? 8  DT A O2     1 
ATOM 237 N N3     . DT A 1 8  ? -0.369  2.253   -3.308  1.00 0.45 ? 8  DT A N3     1 
ATOM 238 C C4     . DT A 1 8  ? 0.473   3.292   -2.961  1.00 0.45 ? 8  DT A C4     1 
ATOM 239 O O4     . DT A 1 8  ? 0.252   3.965   -1.958  1.00 0.46 ? 8  DT A O4     1 
ATOM 240 C C5     . DT A 1 8  ? 1.585   3.471   -3.867  1.00 0.45 ? 8  DT A C5     1 
ATOM 241 C C7     . DT A 1 8  ? 2.597   4.579   -3.620  1.00 0.45 ? 8  DT A C7     1 
ATOM 242 C C6     . DT A 1 8  ? 1.747   2.677   -4.936  1.00 0.45 ? 8  DT A C6     1 
ATOM 243 H "H5'"  . DT A 1 8  ? 4.857   -0.332  -6.796  1.00 0.52 ? 8  DT A "H5'"  1 
ATOM 244 H "H5''" . DT A 1 8  ? 4.739   0.116   -8.509  1.00 0.52 ? 8  DT A "H5''" 1 
ATOM 245 H "H4'"  . DT A 1 8  ? 2.830   -1.276  -7.828  1.00 0.52 ? 8  DT A "H4'"  1 
ATOM 246 H "H3'"  . DT A 1 8  ? 2.668   1.113   -9.233  1.00 0.48 ? 8  DT A "H3'"  1 
ATOM 247 H "H2'"  . DT A 1 8  ? 1.874   2.428   -7.494  1.00 0.45 ? 8  DT A "H2'"  1 
ATOM 248 H "H2''" . DT A 1 8  ? 0.323   1.814   -8.124  1.00 0.45 ? 8  DT A "H2''" 1 
ATOM 249 H "H1'"  . DT A 1 8  ? 0.165   0.140   -6.502  1.00 0.48 ? 8  DT A "H1'"  1 
ATOM 250 H H3     . DT A 1 8  ? -1.159  2.083   -2.704  1.00 0.46 ? 8  DT A H3     1 
ATOM 251 H H71    . DT A 1 8  ? 3.576   4.138   -3.435  1.00 1.16 ? 8  DT A H71    1 
ATOM 252 H H72    . DT A 1 8  ? 2.292   5.165   -2.756  1.00 1.04 ? 8  DT A H72    1 
ATOM 253 H H73    . DT A 1 8  ? 2.649   5.223   -4.499  1.00 1.16 ? 8  DT A H73    1 
ATOM 254 H H6     . DT A 1 8  ? 2.597   2.848   -5.588  1.00 0.45 ? 8  DT A H6     1 
ATOM 255 P P      . DC A 1 9  ? -0.064  0.315   -10.190 1.00 0.46 ? 9  DC A P      1 
ATOM 256 O OP1    . DC A 1 9  ? -0.201  -0.552  -11.382 1.00 1.38 ? 9  DC A OP1    1 
ATOM 257 O OP2    . DC A 1 9  ? 0.164   1.768   -10.358 1.00 1.34 ? 9  DC A OP2    1 
ATOM 258 O "O5'"  . DC A 1 9  ? -1.372  0.114   -9.268  1.00 0.45 ? 9  DC A "O5'"  1 
ATOM 259 C "C5'"  . DC A 1 9  ? -1.872  -1.200  -8.996  1.00 0.50 ? 9  DC A "C5'"  1 
ATOM 260 C "C4'"  . DC A 1 9  ? -3.365  -1.199  -8.663  1.00 0.48 ? 9  DC A "C4'"  1 
ATOM 261 O "O4'"  . DC A 1 9  ? -3.646  -0.499  -7.427  1.00 0.47 ? 9  DC A "O4'"  1 
ATOM 262 C "C3'"  . DC A 1 9  ? -4.188  -0.515  -9.740  1.00 0.42 ? 9  DC A "C3'"  1 
ATOM 263 O "O3'"  . DC A 1 9  ? -5.475  -1.145  -9.875  1.00 0.44 ? 9  DC A "O3'"  1 
ATOM 264 C "C2'"  . DC A 1 9  ? -4.312  0.893   -9.240  1.00 0.37 ? 9  DC A "C2'"  1 
ATOM 265 C "C1'"  . DC A 1 9  ? -4.272  0.770   -7.725  1.00 0.40 ? 9  DC A "C1'"  1 
ATOM 266 N N1     . DC A 1 9  ? -3.563  1.899   -7.070  1.00 0.38 ? 9  DC A N1     1 
ATOM 267 C C2     . DC A 1 9  ? -4.167  2.467   -5.955  1.00 0.38 ? 9  DC A C2     1 
ATOM 268 O O2     . DC A 1 9  ? -5.255  2.052   -5.560  1.00 0.40 ? 9  DC A O2     1 
ATOM 269 N N3     . DC A 1 9  ? -3.528  3.489   -5.323  1.00 0.38 ? 9  DC A N3     1 
ATOM 270 C C4     . DC A 1 9  ? -2.349  3.940   -5.762  1.00 0.37 ? 9  DC A C4     1 
ATOM 271 N N4     . DC A 1 9  ? -1.746  4.937   -5.112  1.00 0.38 ? 9  DC A N4     1 
ATOM 272 C C5     . DC A 1 9  ? -1.722  3.364   -6.911  1.00 0.36 ? 9  DC A C5     1 
ATOM 273 C C6     . DC A 1 9  ? -2.360  2.350   -7.532  1.00 0.37 ? 9  DC A C6     1 
ATOM 274 H "H5'"  . DC A 1 9  ? -1.322  -1.620  -8.155  1.00 0.54 ? 9  DC A "H5'"  1 
ATOM 275 H "H5''" . DC A 1 9  ? -1.708  -1.828  -9.874  1.00 0.52 ? 9  DC A "H5''" 1 
ATOM 276 H "H4'"  . DC A 1 9  ? -3.709  -2.222  -8.559  1.00 0.53 ? 9  DC A "H4'"  1 
ATOM 277 H "H3'"  . DC A 1 9  ? -3.651  -0.533  -10.690 1.00 0.42 ? 9  DC A "H3'"  1 
ATOM 278 H "H2'"  . DC A 1 9  ? -3.476  1.488   -9.601  1.00 0.35 ? 9  DC A "H2'"  1 
ATOM 279 H "H2''" . DC A 1 9  ? -5.247  1.330   -9.564  1.00 0.34 ? 9  DC A "H2''" 1 
ATOM 280 H "H1'"  . DC A 1 9  ? -5.295  0.732   -7.358  1.00 0.40 ? 9  DC A "H1'"  1 
ATOM 281 H H41    . DC A 1 9  ? -2.183  5.348   -4.299  1.00 0.39 ? 9  DC A H41    1 
ATOM 282 H H42    . DC A 1 9  ? -0.852  5.281   -5.432  1.00 0.38 ? 9  DC A H42    1 
ATOM 283 H H5     . DC A 1 9  ? -0.765  3.735   -7.276  1.00 0.36 ? 9  DC A H5     1 
ATOM 284 H H6     . DC A 1 9  ? -1.911  1.889   -8.407  1.00 0.37 ? 9  DC A H6     1 
ATOM 285 P P      . DC A 1 10 ? -6.675  -0.468  -10.719 1.00 0.40 ? 10 DC A P      1 
ATOM 286 O OP1    . DC A 1 10 ? -7.328  -1.525  -11.522 1.00 1.36 ? 10 DC A OP1    1 
ATOM 287 O OP2    . DC A 1 10 ? -6.154  0.747   -11.388 1.00 1.32 ? 10 DC A OP2    1 
ATOM 288 O "O5'"  . DC A 1 10 ? -7.702  -0.004  -9.564  1.00 0.41 ? 10 DC A "O5'"  1 
ATOM 289 C "C5'"  . DC A 1 10 ? -8.364  -0.980  -8.750  1.00 0.50 ? 10 DC A "C5'"  1 
ATOM 290 C "C4'"  . DC A 1 10 ? -9.273  -0.340  -7.697  1.00 0.50 ? 10 DC A "C4'"  1 
ATOM 291 O "O4'"  . DC A 1 10 ? -8.545  0.611   -6.873  1.00 0.46 ? 10 DC A "O4'"  1 
ATOM 292 C "C3'"  . DC A 1 10 ? -10.416 0.434   -8.334  1.00 0.47 ? 10 DC A "C3'"  1 
ATOM 293 O "O3'"  . DC A 1 10 ? -11.612 0.337   -7.544  1.00 0.52 ? 10 DC A "O3'"  1 
ATOM 294 C "C2'"  . DC A 1 10 ? -9.898  1.838   -8.374  1.00 0.39 ? 10 DC A "C2'"  1 
ATOM 295 C "C1'"  . DC A 1 10 ? -9.059  1.947   -7.120  1.00 0.40 ? 10 DC A "C1'"  1 
ATOM 296 N N1     . DC A 1 10 ? -7.958  2.930   -7.264  1.00 0.34 ? 10 DC A N1     1 
ATOM 297 C C2     . DC A 1 10 ? -7.799  3.865   -6.248  1.00 0.33 ? 10 DC A C2     1 
ATOM 298 O O2     . DC A 1 10 ? -8.571  3.879   -5.291  1.00 0.37 ? 10 DC A O2     1 
ATOM 299 N N3     . DC A 1 10 ? -6.778  4.759   -6.347  1.00 0.30 ? 10 DC A N3     1 
ATOM 300 C C4     . DC A 1 10 ? -5.946  4.744   -7.395  1.00 0.27 ? 10 DC A C4     1 
ATOM 301 N N4     . DC A 1 10 ? -4.952  5.629   -7.456  1.00 0.27 ? 10 DC A N4     1 
ATOM 302 C C5     . DC A 1 10 ? -6.106  3.787   -8.445  1.00 0.28 ? 10 DC A C5     1 
ATOM 303 C C6     . DC A 1 10 ? -7.118  2.904   -8.341  1.00 0.31 ? 10 DC A C6     1 
ATOM 304 H "H5'"  . DC A 1 10 ? -7.611  -1.585  -8.243  1.00 0.54 ? 10 DC A "H5'"  1 
ATOM 305 H "H5''" . DC A 1 10 ? -8.964  -1.628  -9.391  1.00 0.53 ? 10 DC A "H5''" 1 
ATOM 306 H "H4'"  . DC A 1 10 ? -9.681  -1.120  -7.057  1.00 0.56 ? 10 DC A "H4'"  1 
ATOM 307 H "H3'"  . DC A 1 10 ? -10.597 0.071   -9.349  1.00 0.48 ? 10 DC A "H3'"  1 
ATOM 308 H "H2'"  . DC A 1 10 ? -9.296  1.993   -9.265  1.00 0.36 ? 10 DC A "H2'"  1 
ATOM 309 H "H2''" . DC A 1 10 ? -10.716 2.549   -8.338  1.00 0.39 ? 10 DC A "H2''" 1 
ATOM 310 H "H1'"  . DC A 1 10 ? -9.705  2.243   -6.295  1.00 0.42 ? 10 DC A "H1'"  1 
ATOM 311 H H41    . DC A 1 10 ? -4.834  6.308   -6.717  1.00 0.29 ? 10 DC A H41    1 
ATOM 312 H H42    . DC A 1 10 ? -4.317  5.624   -8.242  1.00 0.27 ? 10 DC A H42    1 
ATOM 313 H H5     . DC A 1 10 ? -5.432  3.771   -9.302  1.00 0.27 ? 10 DC A H5     1 
ATOM 314 H H6     . DC A 1 10 ? -7.269  2.166   -9.123  1.00 0.33 ? 10 DC A H6     1 
ATOM 315 P P      . DG A 1 11 ? -12.919 1.219   -7.893  1.00 0.52 ? 11 DG A P      1 
ATOM 316 O OP1    . DG A 1 11 ? -14.119 0.425   -7.545  1.00 1.39 ? 11 DG A OP1    1 
ATOM 317 O OP2    . DG A 1 11 ? -12.767 1.759   -9.263  1.00 1.39 ? 11 DG A OP2    1 
ATOM 318 O "O5'"  . DG A 1 11 ? -12.806 2.448   -6.853  1.00 0.49 ? 11 DG A "O5'"  1 
ATOM 319 C "C5'"  . DG A 1 11 ? -13.278 2.305   -5.509  1.00 0.56 ? 11 DG A "C5'"  1 
ATOM 320 C "C4'"  . DG A 1 11 ? -13.482 3.657   -4.825  1.00 0.54 ? 11 DG A "C4'"  1 
ATOM 321 O "O4'"  . DG A 1 11 ? -12.235 4.390   -4.755  1.00 0.46 ? 11 DG A "O4'"  1 
ATOM 322 C "C3'"  . DG A 1 11 ? -14.484 4.511   -5.594  1.00 0.56 ? 11 DG A "C3'"  1 
ATOM 323 O "O3'"  . DG A 1 11 ? -15.458 5.074   -4.695  1.00 0.62 ? 11 DG A "O3'"  1 
ATOM 324 C "C2'"  . DG A 1 11 ? -13.652 5.579   -6.247  1.00 0.48 ? 11 DG A "C2'"  1 
ATOM 325 C "C1'"  . DG A 1 11 ? -12.366 5.647   -5.451  1.00 0.42 ? 11 DG A "C1'"  1 
ATOM 326 N N9     . DG A 1 11 ? -11.206 5.892   -6.324  1.00 0.34 ? 11 DG A N9     1 
ATOM 327 C C8     . DG A 1 11 ? -10.899 5.346   -7.524  1.00 0.32 ? 11 DG A C8     1 
ATOM 328 N N7     . DG A 1 11 ? -9.801  5.724   -8.091  1.00 0.26 ? 11 DG A N7     1 
ATOM 329 C C5     . DG A 1 11 ? -9.303  6.642   -7.160  1.00 0.25 ? 11 DG A C5     1 
ATOM 330 C C6     . DG A 1 11 ? -8.113  7.417   -7.191  1.00 0.24 ? 11 DG A C6     1 
ATOM 331 O O6     . DG A 1 11 ? -7.245  7.446   -8.060  1.00 0.24 ? 11 DG A O6     1 
ATOM 332 N N1     . DG A 1 11 ? -7.990  8.211   -6.057  1.00 0.27 ? 11 DG A N1     1 
ATOM 333 C C2     . DG A 1 11 ? -8.898  8.258   -5.017  1.00 0.30 ? 11 DG A C2     1 
ATOM 334 N N2     . DG A 1 11 ? -8.606  9.086   -4.015  1.00 0.34 ? 11 DG A N2     1 
ATOM 335 N N3     . DG A 1 11 ? -10.019 7.531   -4.981  1.00 0.32 ? 11 DG A N3     1 
ATOM 336 C C4     . DG A 1 11 ? -10.159 6.749   -6.075  1.00 0.29 ? 11 DG A C4     1 
ATOM 337 H "H5'"  . DG A 1 11 ? -12.555 1.724   -4.937  1.00 0.57 ? 11 DG A "H5'"  1 
ATOM 338 H "H5''" . DG A 1 11 ? -14.227 1.773   -5.526  1.00 0.63 ? 11 DG A "H5''" 1 
ATOM 339 H "H4'"  . DG A 1 11 ? -13.854 3.493   -3.814  1.00 0.60 ? 11 DG A "H4'"  1 
ATOM 340 H "H3'"  . DG A 1 11 ? -14.979 3.906   -6.358  1.00 0.59 ? 11 DG A "H3'"  1 
ATOM 341 H "H2'"  . DG A 1 11 ? -13.440 5.301   -7.279  1.00 0.45 ? 11 DG A "H2'"  1 
ATOM 342 H "H2''" . DG A 1 11 ? -14.165 6.530   -6.217  1.00 0.50 ? 11 DG A "H2''" 1 
ATOM 343 H "H1'"  . DG A 1 11 ? -12.441 6.454   -4.722  1.00 0.43 ? 11 DG A "H1'"  1 
ATOM 344 H H8     . DG A 1 11 ? -11.561 4.620   -7.995  1.00 0.36 ? 11 DG A H8     1 
ATOM 345 H H1     . DG A 1 11 ? -7.164  8.788   -6.009  1.00 0.30 ? 11 DG A H1     1 
ATOM 346 H H21    . DG A 1 11 ? -7.759  9.634   -4.042  1.00 0.35 ? 11 DG A H21    1 
ATOM 347 H H22    . DG A 1 11 ? -9.234  9.164   -3.227  1.00 0.37 ? 11 DG A H22    1 
ATOM 348 P P      . DC A 1 12 ? -16.352 6.364   -5.091  1.00 0.66 ? 12 DC A P      1 
ATOM 349 O OP1    . DC A 1 12 ? -17.644 6.268   -4.377  1.00 1.44 ? 12 DC A OP1    1 
ATOM 350 O OP2    . DC A 1 12 ? -16.336 6.512   -6.564  1.00 1.47 ? 12 DC A OP2    1 
ATOM 351 O "O5'"  . DC A 1 12 ? -15.512 7.588   -4.452  1.00 0.61 ? 12 DC A "O5'"  1 
ATOM 352 C "C5'"  . DC A 1 12 ? -15.348 7.685   -3.032  1.00 0.63 ? 12 DC A "C5'"  1 
ATOM 353 C "C4'"  . DC A 1 12 ? -14.497 8.890   -2.619  1.00 0.60 ? 12 DC A "C4'"  1 
ATOM 354 O "O4'"  . DC A 1 12 ? -13.232 8.922   -3.338  1.00 0.50 ? 12 DC A "O4'"  1 
ATOM 355 C "C3'"  . DC A 1 12 ? -15.191 10.210  -2.919  1.00 0.65 ? 12 DC A "C3'"  1 
ATOM 356 O "O3'"  . DC A 1 12 ? -14.922 11.179  -1.894  1.00 0.66 ? 12 DC A "O3'"  1 
ATOM 357 C "C2'"  . DC A 1 12 ? -14.599 10.623  -4.232  1.00 0.60 ? 12 DC A "C2'"  1 
ATOM 358 C "C1'"  . DC A 1 12 ? -13.182 10.115  -4.164  1.00 0.50 ? 12 DC A "C1'"  1 
ATOM 359 N N1     . DC A 1 12 ? -12.619 9.814   -5.504  1.00 0.45 ? 12 DC A N1     1 
ATOM 360 C C2     . DC A 1 12 ? -11.335 10.273  -5.775  1.00 0.40 ? 12 DC A C2     1 
ATOM 361 O O2     . DC A 1 12 ? -10.727 10.944  -4.943  1.00 0.40 ? 12 DC A O2     1 
ATOM 362 N N3     . DC A 1 12 ? -10.779 9.967   -6.979  1.00 0.37 ? 12 DC A N3     1 
ATOM 363 C C4     . DC A 1 12 ? -11.448 9.242   -7.883  1.00 0.38 ? 12 DC A C4     1 
ATOM 364 N N4     . DC A 1 12 ? -10.870 8.955   -9.050  1.00 0.36 ? 12 DC A N4     1 
ATOM 365 C C5     . DC A 1 12 ? -12.770 8.769   -7.613  1.00 0.43 ? 12 DC A C5     1 
ATOM 366 C C6     . DC A 1 12 ? -13.316 9.078   -6.421  1.00 0.47 ? 12 DC A C6     1 
ATOM 367 H "H5'"  . DC A 1 12 ? -14.866 6.775   -2.673  1.00 0.62 ? 12 DC A "H5'"  1 
ATOM 368 H "H5''" . DC A 1 12 ? -16.330 7.771   -2.569  1.00 0.71 ? 12 DC A "H5''" 1 
ATOM 369 H "H4'"  . DC A 1 12 ? -14.291 8.830   -1.552  1.00 0.61 ? 12 DC A "H4'"  1 
ATOM 370 H "H3'"  . DC A 1 12 ? -16.267 10.051  -3.024  1.00 0.71 ? 12 DC A "H3'"  1 
ATOM 371 H "H2'"  . DC A 1 12 ? -15.147 10.168  -5.053  1.00 0.61 ? 12 DC A "H2'"  1 
ATOM 372 H "H2''" . DC A 1 12 ? -14.592 11.701  -4.326  1.00 0.62 ? 12 DC A "H2''" 1 
ATOM 373 H "H1'"  . DC A 1 12 ? -12.575 10.873  -3.677  1.00 0.50 ? 12 DC A "H1'"  1 
ATOM 374 H H41    . DC A 1 12 ? -9.936  9.286   -9.246  1.00 0.35 ? 12 DC A H41    1 
ATOM 375 H H42    . DC A 1 12 ? -11.365 8.405   -9.737  1.00 0.38 ? 12 DC A H42    1 
ATOM 376 H H5     . DC A 1 12 ? -13.316 8.173   -8.343  1.00 0.45 ? 12 DC A H5     1 
ATOM 377 H H6     . DC A 1 12 ? -14.324 8.746   -6.192  1.00 0.52 ? 12 DC A H6     1 
ATOM 378 P P      . DG A 1 13 ? -15.565 12.658  -1.954  1.00 0.75 ? 13 DG A P      1 
ATOM 379 O OP1    . DG A 1 13 ? -16.158 12.958  -0.631  1.00 1.51 ? 13 DG A OP1    1 
ATOM 380 O OP2    . DG A 1 13 ? -16.399 12.760  -3.173  1.00 1.52 ? 13 DG A OP2    1 
ATOM 381 O "O5'"  . DG A 1 13 ? -14.270 13.598  -2.151  1.00 0.71 ? 13 DG A "O5'"  1 
ATOM 382 C "C5'"  . DG A 1 13 ? -13.378 13.847  -1.059  1.00 0.71 ? 13 DG A "C5'"  1 
ATOM 383 C "C4'"  . DG A 1 13 ? -12.327 14.900  -1.408  1.00 0.71 ? 13 DG A "C4'"  1 
ATOM 384 O "O4'"  . DG A 1 13 ? -11.518 14.473  -2.534  1.00 0.65 ? 13 DG A "O4'"  1 
ATOM 385 C "C3'"  . DG A 1 13 ? -12.975 16.212  -1.815  1.00 0.78 ? 13 DG A "C3'"  1 
ATOM 386 O "O3'"  . DG A 1 13 ? -12.165 17.326  -1.427  1.00 0.82 ? 13 DG A "O3'"  1 
ATOM 387 C "C2'"  . DG A 1 13 ? -13.062 16.104  -3.307  1.00 0.77 ? 13 DG A "C2'"  1 
ATOM 388 C "C1'"  . DG A 1 13 ? -11.850 15.278  -3.695  1.00 0.69 ? 13 DG A "C1'"  1 
ATOM 389 N N9     . DG A 1 13 ? -12.131 14.422  -4.865  1.00 0.66 ? 13 DG A N9     1 
ATOM 390 C C8     . DG A 1 13 ? -13.208 13.639  -5.123  1.00 0.66 ? 13 DG A C8     1 
ATOM 391 N N7     . DG A 1 13 ? -13.205 12.958  -6.219  1.00 0.64 ? 13 DG A N7     1 
ATOM 392 C C5     . DG A 1 13 ? -11.978 13.323  -6.777  1.00 0.61 ? 13 DG A C5     1 
ATOM 393 C C6     . DG A 1 13 ? -11.379 12.912  -7.996  1.00 0.59 ? 13 DG A C6     1 
ATOM 394 O O6     . DG A 1 13 ? -11.817 12.126  -8.833  1.00 0.59 ? 13 DG A O6     1 
ATOM 395 N N1     . DG A 1 13 ? -10.141 13.515  -8.184  1.00 0.60 ? 13 DG A N1     1 
ATOM 396 C C2     . DG A 1 13 ? -9.548  14.405  -7.310  1.00 0.62 ? 13 DG A C2     1 
ATOM 397 N N2     . DG A 1 13 ? -8.353  14.877  -7.666  1.00 0.65 ? 13 DG A N2     1 
ATOM 398 N N3     . DG A 1 13 ? -10.106 14.795  -6.160  1.00 0.63 ? 13 DG A N3     1 
ATOM 399 C C4     . DG A 1 13 ? -11.314 14.220  -5.955  1.00 0.63 ? 13 DG A C4     1 
ATOM 400 H "H5'"  . DG A 1 13 ? -12.873 12.918  -0.795  1.00 0.66 ? 13 DG A "H5'"  1 
ATOM 401 H "H5''" . DG A 1 13 ? -13.956 14.194  -0.202  1.00 0.76 ? 13 DG A "H5''" 1 
ATOM 402 H "H4'"  . DG A 1 13 ? -11.681 15.065  -0.547  1.00 0.71 ? 13 DG A "H4'"  1 
ATOM 403 H "H3'"  . DG A 1 13 ? -13.974 16.291  -1.381  1.00 0.83 ? 13 DG A "H3'"  1 
ATOM 404 H "HO3'" . DG A 1 13 ? -12.628 18.123  -1.695  1.00 1.25 ? 13 DG A "HO3'" 1 
ATOM 405 H "H2'"  . DG A 1 13 ? -13.981 15.591  -3.593  1.00 0.78 ? 13 DG A "H2'"  1 
ATOM 406 H "H2''" . DG A 1 13 ? -13.017 17.090  -3.769  1.00 0.82 ? 13 DG A "H2''" 1 
ATOM 407 H "H1'"  . DG A 1 13 ? -11.017 15.942  -3.922  1.00 0.71 ? 13 DG A "H1'"  1 
ATOM 408 H H8     . DG A 1 13 ? -14.047 13.591  -4.430  1.00 0.70 ? 13 DG A H8     1 
ATOM 409 H H1     . DG A 1 13 ? -9.653  13.268  -9.034  1.00 0.60 ? 13 DG A H1     1 
ATOM 410 H H21    . DG A 1 13 ? -7.931  14.581  -8.535  1.00 0.65 ? 13 DG A H21    1 
ATOM 411 H H22    . DG A 1 13 ? -7.869  15.532  -7.068  1.00 0.67 ? 13 DG A H22    1 
ATOM 412 O "O5'"  . DC B 2 1  ? -6.565  13.320  -15.921 1.00 0.94 ? 14 DC B "O5'"  1 
ATOM 413 C "C5'"  . DC B 2 1  ? -6.063  14.639  -16.160 1.00 1.04 ? 14 DC B "C5'"  1 
ATOM 414 C "C4'"  . DC B 2 1  ? -5.533  15.279  -14.884 1.00 1.02 ? 14 DC B "C4'"  1 
ATOM 415 O "O4'"  . DC B 2 1  ? -6.552  15.289  -13.846 1.00 0.95 ? 14 DC B "O4'"  1 
ATOM 416 C "C3'"  . DC B 2 1  ? -4.367  14.481  -14.337 1.00 0.97 ? 14 DC B "C3'"  1 
ATOM 417 O "O3'"  . DC B 2 1  ? -3.416  15.336  -13.683 1.00 1.02 ? 14 DC B "O3'"  1 
ATOM 418 C "C2'"  . DC B 2 1  ? -5.030  13.549  -13.375 1.00 0.85 ? 14 DC B "C2'"  1 
ATOM 419 C "C1'"  . DC B 2 1  ? -6.168  14.364  -12.798 1.00 0.84 ? 14 DC B "C1'"  1 
ATOM 420 N N1     . DC B 2 1  ? -7.301  13.506  -12.388 1.00 0.75 ? 14 DC B N1     1 
ATOM 421 C C2     . DC B 2 1  ? -7.727  13.585  -11.069 1.00 0.69 ? 14 DC B C2     1 
ATOM 422 O O2     . DC B 2 1  ? -7.169  14.345  -10.279 1.00 0.71 ? 14 DC B O2     1 
ATOM 423 N N3     . DC B 2 1  ? -8.770  12.801  -10.681 1.00 0.62 ? 14 DC B N3     1 
ATOM 424 C C4     . DC B 2 1  ? -9.370  11.974  -11.548 1.00 0.61 ? 14 DC B C4     1 
ATOM 425 N N4     . DC B 2 1  ? -10.390 11.221  -11.135 1.00 0.56 ? 14 DC B N4     1 
ATOM 426 C C5     . DC B 2 1  ? -8.933  11.891  -12.906 1.00 0.67 ? 14 DC B C5     1 
ATOM 427 C C6     . DC B 2 1  ? -7.900  12.669  -13.279 1.00 0.74 ? 14 DC B C6     1 
ATOM 428 H "H5'"  . DC B 2 1  ? -6.864  15.256  -16.558 1.00 1.09 ? 14 DC B "H5'"  1 
ATOM 429 H "H5''" . DC B 2 1  ? -5.255  14.584  -16.889 1.00 1.09 ? 14 DC B "H5''" 1 
ATOM 430 H "H4'"  . DC B 2 1  ? -5.216  16.300  -15.090 1.00 1.10 ? 14 DC B "H4'"  1 
ATOM 431 H "H3'"  . DC B 2 1  ? -3.887  13.916  -15.140 1.00 0.99 ? 14 DC B "H3'"  1 
ATOM 432 H "H2'"  . DC B 2 1  ? -5.402  12.676  -13.902 1.00 0.81 ? 14 DC B "H2'"  1 
ATOM 433 H "H2''" . DC B 2 1  ? -4.353  13.248  -12.600 1.00 0.81 ? 14 DC B "H2''" 1 
ATOM 434 H "H1'"  . DC B 2 1  ? -5.806  14.927  -11.936 1.00 0.84 ? 14 DC B "H1'"  1 
ATOM 435 H H41    . DC B 2 1  ? -10.704 11.276  -10.177 1.00 0.54 ? 14 DC B H41    1 
ATOM 436 H H42    . DC B 2 1  ? -10.848 10.595  -11.780 1.00 0.57 ? 14 DC B H42    1 
ATOM 437 H H5     . DC B 2 1  ? -9.418  11.219  -13.614 1.00 0.67 ? 14 DC B H5     1 
ATOM 438 H H6     . DC B 2 1  ? -7.538  12.631  -14.303 1.00 0.79 ? 14 DC B H6     1 
ATOM 439 H "HO5'" . DC B 2 1  ? -6.858  12.970  -16.765 1.00 1.28 ? 14 DC B "HO5'" 1 
ATOM 440 P P      . DG B 2 2  ? -2.174  14.723  -12.856 1.00 1.00 ? 15 DG B P      1 
ATOM 441 O OP1    . DG B 2 2  ? -1.032  15.657  -12.979 1.00 1.51 ? 15 DG B OP1    1 
ATOM 442 O OP2    . DG B 2 2  ? -2.010  13.303  -13.241 1.00 1.77 ? 15 DG B OP2    1 
ATOM 443 O "O5'"  . DG B 2 2  ? -2.708  14.775  -11.337 1.00 0.91 ? 15 DG B "O5'"  1 
ATOM 444 C "C5'"  . DG B 2 2  ? -2.715  16.010  -10.612 1.00 0.95 ? 15 DG B "C5'"  1 
ATOM 445 C "C4'"  . DG B 2 2  ? -2.860  15.782  -9.109  1.00 0.88 ? 15 DG B "C4'"  1 
ATOM 446 O "O4'"  . DG B 2 2  ? -4.119  15.136  -8.805  1.00 0.78 ? 15 DG B "O4'"  1 
ATOM 447 C "C3'"  . DG B 2 2  ? -1.742  14.886  -8.590  1.00 0.88 ? 15 DG B "C3'"  1 
ATOM 448 O "O3'"  . DG B 2 2  ? -1.198  15.423  -7.368  1.00 0.91 ? 15 DG B "O3'"  1 
ATOM 449 C "C2'"  . DG B 2 2  ? -2.404  13.555  -8.366  1.00 0.76 ? 15 DG B "C2'"  1 
ATOM 450 C "C1'"  . DG B 2 2  ? -3.875  13.861  -8.175  1.00 0.69 ? 15 DG B "C1'"  1 
ATOM 451 N N9     . DG B 2 2  ? -4.730  12.809  -8.755  1.00 0.61 ? 15 DG B N9     1 
ATOM 452 C C8     . DG B 2 2  ? -4.610  12.143  -9.929  1.00 0.61 ? 15 DG B C8     1 
ATOM 453 N N7     . DG B 2 2  ? -5.522  11.276  -10.221 1.00 0.53 ? 15 DG B N7     1 
ATOM 454 C C5     . DG B 2 2  ? -6.363  11.362  -9.107  1.00 0.47 ? 15 DG B C5     1 
ATOM 455 C C6     . DG B 2 2  ? -7.561  10.655  -8.814  1.00 0.39 ? 15 DG B C6     1 
ATOM 456 O O6     . DG B 2 2  ? -8.133  9.807   -9.493  1.00 0.36 ? 15 DG B O6     1 
ATOM 457 N N1     . DG B 2 2  ? -8.094  11.041  -7.590  1.00 0.38 ? 15 DG B N1     1 
ATOM 458 C C2     . DG B 2 2  ? -7.546  11.987  -6.747  1.00 0.43 ? 15 DG B C2     1 
ATOM 459 N N2     . DG B 2 2  ? -8.200  12.216  -5.608  1.00 0.43 ? 15 DG B N2     1 
ATOM 460 N N3     . DG B 2 2  ? -6.421  12.656  -7.016  1.00 0.50 ? 15 DG B N3     1 
ATOM 461 C C4     . DG B 2 2  ? -5.884  12.297  -8.205  1.00 0.52 ? 15 DG B C4     1 
ATOM 462 H "H5'"  . DG B 2 2  ? -3.546  16.622  -10.961 1.00 0.97 ? 15 DG B "H5'"  1 
ATOM 463 H "H5''" . DG B 2 2  ? -1.781  16.535  -10.802 1.00 1.04 ? 15 DG B "H5''" 1 
ATOM 464 H "H4'"  . DG B 2 2  ? -2.817  16.742  -8.595  1.00 0.93 ? 15 DG B "H4'"  1 
ATOM 465 H "H3'"  . DG B 2 2  ? -0.958  14.792  -9.345  1.00 0.94 ? 15 DG B "H3'"  1 
ATOM 466 H "H2'"  . DG B 2 2  ? -2.262  12.922  -9.242  1.00 0.76 ? 15 DG B "H2'"  1 
ATOM 467 H "H2''" . DG B 2 2  ? -1.997  13.071  -7.489  1.00 0.74 ? 15 DG B "H2''" 1 
ATOM 468 H "H1'"  . DG B 2 2  ? -4.084  13.943  -7.107  1.00 0.66 ? 15 DG B "H1'"  1 
ATOM 469 H H8     . DG B 2 2  ? -3.770  12.328  -10.597 1.00 0.68 ? 15 DG B H8     1 
ATOM 470 H H1     . DG B 2 2  ? -8.953  10.585  -7.318  1.00 0.35 ? 15 DG B H1     1 
ATOM 471 H H21    . DG B 2 2  ? -9.052  11.712  -5.406  1.00 0.40 ? 15 DG B H21    1 
ATOM 472 H H22    . DG B 2 2  ? -7.845  12.893  -4.948  1.00 0.46 ? 15 DG B H22    1 
ATOM 473 P P      . DC B 2 3  ? -0.360  14.515  -6.325  1.00 0.90 ? 16 DC B P      1 
ATOM 474 O OP1    . DC B 2 3  ? 0.646   15.379  -5.668  1.00 1.76 ? 16 DC B OP1    1 
ATOM 475 O OP2    . DC B 2 3  ? 0.071   13.279  -7.015  1.00 1.40 ? 16 DC B OP2    1 
ATOM 476 O "O5'"  . DC B 2 3  ? -1.478  14.119  -5.228  1.00 0.79 ? 16 DC B "O5'"  1 
ATOM 477 C "C5'"  . DC B 2 3  ? -2.144  15.141  -4.476  1.00 0.80 ? 16 DC B "C5'"  1 
ATOM 478 C "C4'"  . DC B 2 3  ? -3.185  14.573  -3.506  1.00 0.71 ? 16 DC B "C4'"  1 
ATOM 479 O "O4'"  . DC B 2 3  ? -4.163  13.742  -4.194  1.00 0.62 ? 16 DC B "O4'"  1 
ATOM 480 C "C3'"  . DC B 2 3  ? -2.547  13.695  -2.439  1.00 0.71 ? 16 DC B "C3'"  1 
ATOM 481 O "O3'"  . DC B 2 3  ? -3.193  13.881  -1.170  1.00 0.70 ? 16 DC B "O3'"  1 
ATOM 482 C "C2'"  . DC B 2 3  ? -2.752  12.306  -2.966  1.00 0.64 ? 16 DC B "C2'"  1 
ATOM 483 C "C1'"  . DC B 2 3  ? -4.081  12.386  -3.680  1.00 0.57 ? 16 DC B "C1'"  1 
ATOM 484 N N1     . DC B 2 3  ? -4.194  11.391  -4.774  1.00 0.52 ? 16 DC B N1     1 
ATOM 485 C C2     . DC B 2 3  ? -5.342  10.610  -4.819  1.00 0.43 ? 16 DC B C2     1 
ATOM 486 O O2     . DC B 2 3  ? -6.200  10.715  -3.946  1.00 0.41 ? 16 DC B O2     1 
ATOM 487 N N3     . DC B 2 3  ? -5.485  9.730   -5.848  1.00 0.38 ? 16 DC B N3     1 
ATOM 488 C C4     . DC B 2 3  ? -4.543  9.618   -6.795  1.00 0.43 ? 16 DC B C4     1 
ATOM 489 N N4     . DC B 2 3  ? -4.719  8.751   -7.793  1.00 0.40 ? 16 DC B N4     1 
ATOM 490 C C5     . DC B 2 3  ? -3.360  10.417  -6.752  1.00 0.53 ? 16 DC B C5     1 
ATOM 491 C C6     . DC B 2 3  ? -3.225  11.281  -5.728  1.00 0.57 ? 16 DC B C6     1 
ATOM 492 H "H5'"  . DC B 2 3  ? -2.644  15.817  -5.170  1.00 0.81 ? 16 DC B "H5'"  1 
ATOM 493 H "H5''" . DC B 2 3  ? -1.402  15.703  -3.909  1.00 0.86 ? 16 DC B "H5''" 1 
ATOM 494 H "H4'"  . DC B 2 3  ? -3.705  15.398  -3.022  1.00 0.73 ? 16 DC B "H4'"  1 
ATOM 495 H "H3'"  . DC B 2 3  ? -1.480  13.915  -2.362  1.00 0.78 ? 16 DC B "H3'"  1 
ATOM 496 H "H2'"  . DC B 2 3  ? -1.953  12.044  -3.655  1.00 0.67 ? 16 DC B "H2'"  1 
ATOM 497 H "H2''" . DC B 2 3  ? -2.805  11.590  -2.153  1.00 0.63 ? 16 DC B "H2''" 1 
ATOM 498 H "H1'"  . DC B 2 3  ? -4.879  12.223  -2.955  1.00 0.53 ? 16 DC B "H1'"  1 
ATOM 499 H H41    . DC B 2 3  ? -5.553  8.183   -7.830  1.00 0.33 ? 16 DC B H41    1 
ATOM 500 H H42    . DC B 2 3  ? -4.016  8.663   -8.514  1.00 0.44 ? 16 DC B H42    1 
ATOM 501 H H5     . DC B 2 3  ? -2.600  10.342  -7.530  1.00 0.58 ? 16 DC B H5     1 
ATOM 502 H H6     . DC B 2 3  ? -2.325  11.884  -5.652  1.00 0.65 ? 16 DC B H6     1 
ATOM 503 P P      . DG B 2 4  ? -2.804  12.978  0.109   1.00 0.71 ? 17 DG B P      1 
ATOM 504 O OP1    . DG B 2 4  ? -2.758  13.858  1.300   1.00 1.65 ? 17 DG B OP1    1 
ATOM 505 O OP2    . DG B 2 4  ? -1.627  12.150  -0.240  1.00 1.30 ? 17 DG B OP2    1 
ATOM 506 O "O5'"  . DG B 2 4  ? -4.080  12.004  0.250   1.00 0.62 ? 17 DG B "O5'"  1 
ATOM 507 C "C5'"  . DG B 2 4  ? -5.326  12.506  0.746   1.00 0.64 ? 17 DG B "C5'"  1 
ATOM 508 C "C4'"  . DG B 2 4  ? -6.257  11.378  1.190   1.00 0.60 ? 17 DG B "C4'"  1 
ATOM 509 O "O4'"  . DG B 2 4  ? -6.625  10.536  0.075   1.00 0.54 ? 17 DG B "O4'"  1 
ATOM 510 C "C3'"  . DG B 2 4  ? -5.586  10.495  2.221   1.00 0.62 ? 17 DG B "C3'"  1 
ATOM 511 O "O3'"  . DG B 2 4  ? -6.507  10.132  3.260   1.00 0.64 ? 17 DG B "O3'"  1 
ATOM 512 C "C2'"  . DG B 2 4  ? -5.123  9.296   1.446   1.00 0.57 ? 17 DG B "C2'"  1 
ATOM 513 C "C1'"  . DG B 2 4  ? -6.039  9.224   0.243   1.00 0.52 ? 17 DG B "C1'"  1 
ATOM 514 N N9     . DG B 2 4  ? -5.308  8.809   -0.971  1.00 0.49 ? 17 DG B N9     1 
ATOM 515 C C8     . DG B 2 4  ? -4.084  9.183   -1.414  1.00 0.52 ? 17 DG B C8     1 
ATOM 516 N N7     . DG B 2 4  ? -3.679  8.694   -2.538  1.00 0.48 ? 17 DG B N7     1 
ATOM 517 C C5     . DG B 2 4  ? -4.758  7.885   -2.902  1.00 0.42 ? 17 DG B C5     1 
ATOM 518 C C6     . DG B 2 4  ? -4.935  7.068   -4.049  1.00 0.37 ? 17 DG B C6     1 
ATOM 519 O O6     . DG B 2 4  ? -4.164  6.901   -4.992  1.00 0.36 ? 17 DG B O6     1 
ATOM 520 N N1     . DG B 2 4  ? -6.163  6.420   -4.029  1.00 0.34 ? 17 DG B N1     1 
ATOM 521 C C2     . DG B 2 4  ? -7.109  6.538   -3.029  1.00 0.36 ? 17 DG B C2     1 
ATOM 522 N N2     . DG B 2 4  ? -8.227  5.828   -3.183  1.00 0.37 ? 17 DG B N2     1 
ATOM 523 N N3     . DG B 2 4  ? -6.950  7.306   -1.948  1.00 0.40 ? 17 DG B N3     1 
ATOM 524 C C4     . DG B 2 4  ? -5.760  7.948   -1.946  1.00 0.43 ? 17 DG B C4     1 
ATOM 525 H "H5'"  . DG B 2 4  ? -5.815  13.081  -0.040  1.00 0.63 ? 17 DG B "H5'"  1 
ATOM 526 H "H5''" . DG B 2 4  ? -5.132  13.160  1.596   1.00 0.69 ? 17 DG B "H5''" 1 
ATOM 527 H "H4'"  . DG B 2 4  ? -7.151  11.807  1.627   1.00 0.63 ? 17 DG B "H4'"  1 
ATOM 528 H "H3'"  . DG B 2 4  ? -4.735  11.014  2.637   1.00 0.65 ? 17 DG B "H3'"  1 
ATOM 529 H "H2'"  . DG B 2 4  ? -4.090  9.436   1.127   1.00 0.58 ? 17 DG B "H2'"  1 
ATOM 530 H "H2''" . DG B 2 4  ? -5.214  8.392   2.045   1.00 0.57 ? 17 DG B "H2''" 1 
ATOM 531 H "H1'"  . DG B 2 4  ? -6.826  8.509   0.452   1.00 0.51 ? 17 DG B "H1'"  1 
ATOM 532 H H8     . DG B 2 4  ? -3.460  9.862   -0.836  1.00 0.58 ? 17 DG B H8     1 
ATOM 533 H H1     . DG B 2 4  ? -6.361  5.821   -4.817  1.00 0.32 ? 17 DG B H1     1 
ATOM 534 H H21    . DG B 2 4  ? -8.347  5.247   -4.000  1.00 0.36 ? 17 DG B H21    1 
ATOM 535 H H22    . DG B 2 4  ? -8.952  5.871   -2.482  1.00 0.40 ? 17 DG B H22    1 
ATOM 536 P P      . DG B 2 5  ? -6.100  9.074   4.406   1.00 0.66 ? 18 DG B P      1 
ATOM 537 O OP1    . DG B 2 5  ? -6.897  9.373   5.616   1.00 1.60 ? 18 DG B OP1    1 
ATOM 538 O OP2    . DG B 2 5  ? -4.623  9.021   4.492   1.00 1.29 ? 18 DG B OP2    1 
ATOM 539 O "O5'"  . DG B 2 5  ? -6.618  7.678   3.790   1.00 0.62 ? 18 DG B "O5'"  1 
ATOM 540 C "C5'"  . DG B 2 5  ? -8.020  7.410   3.678   1.00 0.63 ? 18 DG B "C5'"  1 
ATOM 541 C "C4'"  . DG B 2 5  ? -8.289  5.990   3.182   1.00 0.61 ? 18 DG B "C4'"  1 
ATOM 542 O "O4'"  . DG B 2 5  ? -7.737  5.785   1.852   1.00 0.57 ? 18 DG B "O4'"  1 
ATOM 543 C "C3'"  . DG B 2 5  ? -7.640  4.960   4.093   1.00 0.61 ? 18 DG B "C3'"  1 
ATOM 544 O "O3'"  . DG B 2 5  ? -8.505  3.821   4.265   1.00 0.62 ? 18 DG B "O3'"  1 
ATOM 545 C "C2'"  . DG B 2 5  ? -6.378  4.597   3.369   1.00 0.58 ? 18 DG B "C2'"  1 
ATOM 546 C "C1'"  . DG B 2 5  ? -6.731  4.747   1.911   1.00 0.55 ? 18 DG B "C1'"  1 
ATOM 547 N N9     . DG B 2 5  ? -5.554  5.085   1.087   1.00 0.52 ? 18 DG B N9     1 
ATOM 548 C C8     . DG B 2 5  ? -4.466  5.838   1.386   1.00 0.53 ? 18 DG B C8     1 
ATOM 549 N N7     . DG B 2 5  ? -3.569  5.985   0.469   1.00 0.51 ? 18 DG B N7     1 
ATOM 550 C C5     . DG B 2 5  ? -4.111  5.239   -0.582  1.00 0.47 ? 18 DG B C5     1 
ATOM 551 C C6     . DG B 2 5  ? -3.602  5.000   -1.887  1.00 0.43 ? 18 DG B C6     1 
ATOM 552 O O6     . DG B 2 5  ? -2.557  5.414   -2.386  1.00 0.42 ? 18 DG B O6     1 
ATOM 553 N N1     . DG B 2 5  ? -4.460  4.196   -2.629  1.00 0.41 ? 18 DG B N1     1 
ATOM 554 C C2     . DG B 2 5  ? -5.659  3.683   -2.177  1.00 0.43 ? 18 DG B C2     1 
ATOM 555 N N2     . DG B 2 5  ? -6.343  2.928   -3.038  1.00 0.43 ? 18 DG B N2     1 
ATOM 556 N N3     . DG B 2 5  ? -6.144  3.904   -0.953  1.00 0.46 ? 18 DG B N3     1 
ATOM 557 C C4     . DG B 2 5  ? -5.325  4.684   -0.211  1.00 0.48 ? 18 DG B C4     1 
ATOM 558 H "H5'"  . DG B 2 5  ? -8.463  8.120   2.979   1.00 0.63 ? 18 DG B "H5'"  1 
ATOM 559 H "H5''" . DG B 2 5  ? -8.485  7.537   4.656   1.00 0.67 ? 18 DG B "H5''" 1 
ATOM 560 H "H4'"  . DG B 2 5  ? -9.364  5.818   3.150   1.00 0.62 ? 18 DG B "H4'"  1 
ATOM 561 H "H3'"  . DG B 2 5  ? -7.403  5.410   5.060   1.00 0.64 ? 18 DG B "H3'"  1 
ATOM 562 H "H2'"  . DG B 2 5  ? -5.579  5.286   3.639   1.00 0.58 ? 18 DG B "H2'"  1 
ATOM 563 H "H2''" . DG B 2 5  ? -6.087  3.577   3.583   1.00 0.58 ? 18 DG B "H2''" 1 
ATOM 564 H "H1'"  . DG B 2 5  ? -7.161  3.810   1.560   1.00 0.54 ? 18 DG B "H1'"  1 
ATOM 565 H H8     . DG B 2 5  ? -4.349  6.293   2.368   1.00 0.57 ? 18 DG B H8     1 
ATOM 566 H H1     . DG B 2 5  ? -4.160  3.981   -3.569  1.00 0.40 ? 18 DG B H1     1 
ATOM 567 H H21    . DG B 2 5  ? -5.978  2.760   -3.964  1.00 0.41 ? 18 DG B H21    1 
ATOM 568 H H22    . DG B 2 5  ? -7.227  2.525   -2.763  1.00 0.45 ? 18 DG B H22    1 
ATOM 569 P P      . DA B 2 6  ? -7.967  2.418   4.860   1.00 0.64 ? 19 DA B P      1 
ATOM 570 O OP1    . DA B 2 6  ? -9.021  1.854   5.734   1.00 1.55 ? 19 DA B OP1    1 
ATOM 571 O OP2    . DA B 2 6  ? -6.601  2.623   5.394   1.00 1.32 ? 19 DA B OP2    1 
ATOM 572 O "O5'"  . DA B 2 6  ? -7.859  1.494   3.541   1.00 0.63 ? 19 DA B "O5'"  1 
ATOM 573 C "C5'"  . DA B 2 6  ? -9.011  1.271   2.718   1.00 0.64 ? 19 DA B "C5'"  1 
ATOM 574 C "C4'"  . DA B 2 6  ? -8.801  0.122   1.730   1.00 0.62 ? 19 DA B "C4'"  1 
ATOM 575 O "O4'"  . DA B 2 6  ? -7.828  0.484   0.720   1.00 0.58 ? 19 DA B "O4'"  1 
ATOM 576 C "C3'"  . DA B 2 6  ? -8.267  -1.111  2.438   1.00 0.63 ? 19 DA B "C3'"  1 
ATOM 577 O "O3'"  . DA B 2 6  ? -8.786  -2.313  1.838   1.00 0.63 ? 19 DA B "O3'"  1 
ATOM 578 C "C2'"  . DA B 2 6  ? -6.784  -1.002  2.253   1.00 0.60 ? 19 DA B "C2'"  1 
ATOM 579 C "C1'"  . DA B 2 6  ? -6.603  -0.253  0.943   1.00 0.57 ? 19 DA B "C1'"  1 
ATOM 580 N N9     . DA B 2 6  ? -5.451  0.663   1.014   1.00 0.55 ? 19 DA B N9     1 
ATOM 581 C C8     . DA B 2 6  ? -5.058  1.451   2.037   1.00 0.57 ? 19 DA B C8     1 
ATOM 582 N N7     . DA B 2 6  ? -4.012  2.187   1.860   1.00 0.56 ? 19 DA B N7     1 
ATOM 583 C C5     . DA B 2 6  ? -3.654  1.853   0.551   1.00 0.52 ? 19 DA B C5     1 
ATOM 584 C C6     . DA B 2 6  ? -2.613  2.279   -0.282  1.00 0.50 ? 19 DA B C6     1 
ATOM 585 N N6     . DA B 2 6  ? -1.701  3.175   0.091   1.00 0.51 ? 19 DA B N6     1 
ATOM 586 N N1     . DA B 2 6  ? -2.551  1.748   -1.516  1.00 0.48 ? 19 DA B N1     1 
ATOM 587 C C2     . DA B 2 6  ? -3.456  0.852   -1.913  1.00 0.48 ? 19 DA B C2     1 
ATOM 588 N N3     . DA B 2 6  ? -4.482  0.378   -1.208  1.00 0.50 ? 19 DA B N3     1 
ATOM 589 C C4     . DA B 2 6  ? -4.524  0.925   0.026   1.00 0.52 ? 19 DA B C4     1 
ATOM 590 H "H5'"  . DA B 2 6  ? -9.217  2.181   2.159   1.00 0.64 ? 19 DA B "H5'"  1 
ATOM 591 H "H5''" . DA B 2 6  ? -9.865  1.041   3.355   1.00 0.68 ? 19 DA B "H5''" 1 
ATOM 592 H "H4'"  . DA B 2 6  ? -9.747  -0.117  1.247   1.00 0.63 ? 19 DA B "H4'"  1 
ATOM 593 H "H3'"  . DA B 2 6  ? -8.518  -1.073  3.501   1.00 0.66 ? 19 DA B "H3'"  1 
ATOM 594 H "H2'"  . DA B 2 6  ? -6.350  -0.435  3.075   1.00 0.61 ? 19 DA B "H2'"  1 
ATOM 595 H "H2''" . DA B 2 6  ? -6.334  -1.981  2.197   1.00 0.60 ? 19 DA B "H2''" 1 
ATOM 596 H "H1'"  . DA B 2 6  ? -6.457  -0.968  0.136   1.00 0.55 ? 19 DA B "H1'"  1 
ATOM 597 H H8     . DA B 2 6  ? -5.611  1.460   2.976   1.00 0.61 ? 19 DA B H8     1 
ATOM 598 H H61    . DA B 2 6  ? -0.970  3.449   -0.549  1.00 0.49 ? 19 DA B H61    1 
ATOM 599 H H62    . DA B 2 6  ? -1.742  3.580   1.016   1.00 0.53 ? 19 DA B H62    1 
ATOM 600 H H2     . DA B 2 6  ? -3.341  0.467   -2.928  1.00 0.47 ? 19 DA B H2     1 
ATOM 601 P P      . DC B 2 7  ? -8.124  -3.761  2.127   1.00 0.64 ? 20 DC B P      1 
ATOM 602 O OP1    . DC B 2 7  ? -9.198  -4.778  2.061   1.00 1.56 ? 20 DC B OP1    1 
ATOM 603 O OP2    . DC B 2 7  ? -7.282  -3.659  3.341   1.00 1.33 ? 20 DC B OP2    1 
ATOM 604 O "O5'"  . DC B 2 7  ? -7.150  -3.972  0.855   1.00 0.59 ? 20 DC B "O5'"  1 
ATOM 605 C "C5'"  . DC B 2 7  ? -7.703  -4.180  -0.450  1.00 0.57 ? 20 DC B "C5'"  1 
ATOM 606 C "C4'"  . DC B 2 7  ? -6.637  -4.548  -1.488  1.00 0.55 ? 20 DC B "C4'"  1 
ATOM 607 O "O4'"  . DC B 2 7  ? -5.611  -3.527  -1.582  1.00 0.54 ? 20 DC B "O4'"  1 
ATOM 608 C "C3'"  . DC B 2 7  ? -5.934  -5.856  -1.145  1.00 0.57 ? 20 DC B "C3'"  1 
ATOM 609 O "O3'"  . DC B 2 7  ? -5.681  -6.632  -2.331  1.00 0.57 ? 20 DC B "O3'"  1 
ATOM 610 C "C2'"  . DC B 2 7  ? -4.655  -5.419  -0.498  1.00 0.58 ? 20 DC B "C2'"  1 
ATOM 611 C "C1'"  . DC B 2 7  ? -4.344  -4.078  -1.151  1.00 0.55 ? 20 DC B "C1'"  1 
ATOM 612 N N1     . DC B 2 7  ? -3.620  -3.142  -0.250  1.00 0.55 ? 20 DC B N1     1 
ATOM 613 C C2     . DC B 2 7  ? -2.536  -2.461  -0.792  1.00 0.54 ? 20 DC B C2     1 
ATOM 614 O O2     . DC B 2 7  ? -2.189  -2.672  -1.952  1.00 0.53 ? 20 DC B O2     1 
ATOM 615 N N3     . DC B 2 7  ? -1.872  -1.569  -0.008  1.00 0.54 ? 20 DC B N3     1 
ATOM 616 C C4     . DC B 2 7  ? -2.248  -1.349  1.256   1.00 0.55 ? 20 DC B C4     1 
ATOM 617 N N4     . DC B 2 7  ? -1.577  -0.462  1.993   1.00 0.56 ? 20 DC B N4     1 
ATOM 618 C C5     . DC B 2 7  ? -3.359  -2.047  1.825   1.00 0.57 ? 20 DC B C5     1 
ATOM 619 C C6     . DC B 2 7  ? -4.013  -2.930  1.044   1.00 0.57 ? 20 DC B C6     1 
ATOM 620 H "H5'"  . DC B 2 7  ? -8.203  -3.266  -0.770  1.00 0.55 ? 20 DC B "H5'"  1 
ATOM 621 H "H5''" . DC B 2 7  ? -8.437  -4.984  -0.399  1.00 0.58 ? 20 DC B "H5''" 1 
ATOM 622 H "H4'"  . DC B 2 7  ? -7.116  -4.650  -2.462  1.00 0.54 ? 20 DC B "H4'"  1 
ATOM 623 H "H3'"  . DC B 2 7  ? -6.538  -6.430  -0.436  1.00 0.59 ? 20 DC B "H3'"  1 
ATOM 624 H "H2'"  . DC B 2 7  ? -4.799  -5.313  0.572   1.00 0.59 ? 20 DC B "H2'"  1 
ATOM 625 H "H2''" . DC B 2 7  ? -3.869  -6.132  -0.700  1.00 0.59 ? 20 DC B "H2''" 1 
ATOM 626 H "H1'"  . DC B 2 7  ? -3.729  -4.262  -2.034  1.00 0.54 ? 20 DC B "H1'"  1 
ATOM 627 H H41    . DC B 2 7  ? -0.792  0.035   1.596   1.00 0.55 ? 20 DC B H41    1 
ATOM 628 H H42    . DC B 2 7  ? -1.855  -0.286  2.948   1.00 0.57 ? 20 DC B H42    1 
ATOM 629 H H5     . DC B 2 7  ? -3.666  -1.872  2.856   1.00 0.59 ? 20 DC B H5     1 
ATOM 630 H H6     . DC B 2 7  ? -4.857  -3.476  1.451   1.00 0.58 ? 20 DC B H6     1 
ATOM 631 P P      . DA B 2 8  ? -4.681  -7.906  -2.316  1.00 0.60 ? 21 DA B P      1 
ATOM 632 O OP1    . DA B 2 8  ? -5.157  -8.877  -3.326  1.00 1.81 ? 21 DA B OP1    1 
ATOM 633 O OP2    . DA B 2 8  ? -4.497  -8.338  -0.911  1.00 0.97 ? 21 DA B OP2    1 
ATOM 634 O "O5'"  . DA B 2 8  ? -3.284  -7.280  -2.836  1.00 0.45 ? 21 DA B "O5'"  1 
ATOM 635 C "C5'"  . DA B 2 8  ? -3.182  -6.748  -4.162  1.00 0.51 ? 21 DA B "C5'"  1 
ATOM 636 C "C4'"  . DA B 2 8  ? -1.737  -6.698  -4.670  1.00 0.50 ? 21 DA B "C4'"  1 
ATOM 637 O "O4'"  . DA B 2 8  ? -0.992  -5.639  -4.017  1.00 0.48 ? 21 DA B "O4'"  1 
ATOM 638 C "C3'"  . DA B 2 8  ? -1.002  -7.999  -4.390  1.00 0.48 ? 21 DA B "C3'"  1 
ATOM 639 O "O3'"  . DA B 2 8  ? -0.121  -8.336  -5.478  1.00 0.49 ? 21 DA B "O3'"  1 
ATOM 640 C "C2'"  . DA B 2 8  ? -0.234  -7.710  -3.134  1.00 0.46 ? 21 DA B "C2'"  1 
ATOM 641 C "C1'"  . DA B 2 8  ? 0.031   -6.216  -3.171  1.00 0.47 ? 21 DA B "C1'"  1 
ATOM 642 N N9     . DA B 2 8  ? -0.029  -5.632  -1.823  1.00 0.47 ? 21 DA B N9     1 
ATOM 643 C C8     . DA B 2 8  ? -0.916  -5.864  -0.834  1.00 0.48 ? 21 DA B C8     1 
ATOM 644 N N7     . DA B 2 8  ? -0.782  -5.195  0.262   1.00 0.49 ? 21 DA B N7     1 
ATOM 645 C C5     . DA B 2 8  ? 0.341   -4.413  -0.026  1.00 0.48 ? 21 DA B C5     1 
ATOM 646 C C6     . DA B 2 8  ? 1.041   -3.457  0.713   1.00 0.49 ? 21 DA B C6     1 
ATOM 647 N N6     . DA B 2 8  ? 0.700   -3.101  1.951   1.00 0.50 ? 21 DA B N6     1 
ATOM 648 N N1     . DA B 2 8  ? 2.105   -2.880  0.127   1.00 0.48 ? 21 DA B N1     1 
ATOM 649 C C2     . DA B 2 8  ? 2.460   -3.220  -1.114  1.00 0.47 ? 21 DA B C2     1 
ATOM 650 N N3     . DA B 2 8  ? 1.868   -4.111  -1.902  1.00 0.46 ? 21 DA B N3     1 
ATOM 651 C C4     . DA B 2 8  ? 0.807   -4.675  -1.294  1.00 0.47 ? 21 DA B C4     1 
ATOM 652 H "H5'"  . DA B 2 8  ? -3.584  -5.737  -4.160  1.00 0.51 ? 21 DA B "H5'"  1 
ATOM 653 H "H5''" . DA B 2 8  ? -3.774  -7.365  -4.839  1.00 0.61 ? 21 DA B "H5''" 1 
ATOM 654 H "H4'"  . DA B 2 8  ? -1.742  -6.514  -5.743  1.00 0.54 ? 21 DA B "H4'"  1 
ATOM 655 H "H3'"  . DA B 2 8  ? -1.720  -8.805  -4.215  1.00 0.48 ? 21 DA B "H3'"  1 
ATOM 656 H "H2'"  . DA B 2 8  ? -0.837  -7.965  -2.260  1.00 0.45 ? 21 DA B "H2'"  1 
ATOM 657 H "H2''" . DA B 2 8  ? 0.698   -8.262  -3.123  1.00 0.45 ? 21 DA B "H2''" 1 
ATOM 658 H "H1'"  . DA B 2 8  ? 1.013   -6.030  -3.608  1.00 0.47 ? 21 DA B "H1'"  1 
ATOM 659 H H8     . DA B 2 8  ? -1.709  -6.596  -0.960  1.00 0.49 ? 21 DA B H8     1 
ATOM 660 H H61    . DA B 2 8  ? 1.238   -2.403  2.444   1.00 0.51 ? 21 DA B H61    1 
ATOM 661 H H62    . DA B 2 8  ? -0.099  -3.529  2.396   1.00 0.50 ? 21 DA B H62    1 
ATOM 662 H H2     . DA B 2 8  ? 3.332   -2.712  -1.526  1.00 0.48 ? 21 DA B H2     1 
ATOM 663 P P      . DC B 2 9  ? 1.096   -9.384  -5.290  1.00 0.49 ? 22 DC B P      1 
ATOM 664 O OP1    . DC B 2 9  ? 1.523   -9.839  -6.633  1.00 1.55 ? 22 DC B OP1    1 
ATOM 665 O OP2    . DC B 2 9  ? 0.699   -10.379 -4.268  1.00 1.16 ? 22 DC B OP2    1 
ATOM 666 O "O5'"  . DC B 2 9  ? 2.272   -8.465  -4.671  1.00 0.48 ? 22 DC B "O5'"  1 
ATOM 667 C "C5'"  . DC B 2 9  ? 2.941   -7.497  -5.488  1.00 0.50 ? 22 DC B "C5'"  1 
ATOM 668 C "C4'"  . DC B 2 9  ? 4.151   -6.872  -4.785  1.00 0.49 ? 22 DC B "C4'"  1 
ATOM 669 O "O4'"  . DC B 2 9  ? 3.764   -6.186  -3.561  1.00 0.51 ? 22 DC B "O4'"  1 
ATOM 670 C "C3'"  . DC B 2 9  ? 5.190   -7.923  -4.400  1.00 0.43 ? 22 DC B "C3'"  1 
ATOM 671 O "O3'"  . DC B 2 9  ? 6.515   -7.482  -4.749  1.00 0.43 ? 22 DC B "O3'"  1 
ATOM 672 C "C2'"  . DC B 2 9  ? 5.031   -8.059  -2.912  1.00 0.42 ? 22 DC B "C2'"  1 
ATOM 673 C "C1'"  . DC B 2 9  ? 4.570   -6.686  -2.470  1.00 0.46 ? 22 DC B "C1'"  1 
ATOM 674 N N1     . DC B 2 9  ? 3.806   -6.712  -1.195  1.00 0.47 ? 22 DC B N1     1 
ATOM 675 C C2     . DC B 2 9  ? 4.184   -5.807  -0.209  1.00 0.48 ? 22 DC B C2     1 
ATOM 676 O O2     . DC B 2 9  ? 5.146   -5.062  -0.386  1.00 0.49 ? 22 DC B O2     1 
ATOM 677 N N3     . DC B 2 9  ? 3.467   -5.775  0.948   1.00 0.49 ? 22 DC B N3     1 
ATOM 678 C C4     . DC B 2 9  ? 2.424   -6.594  1.137   1.00 0.49 ? 22 DC B C4     1 
ATOM 679 N N4     . DC B 2 9  ? 1.741   -6.528  2.280   1.00 0.51 ? 22 DC B N4     1 
ATOM 680 C C5     . DC B 2 9  ? 2.035   -7.531  0.130   1.00 0.49 ? 22 DC B C5     1 
ATOM 681 C C6     . DC B 2 9  ? 2.750   -7.559  -1.011  1.00 0.48 ? 22 DC B C6     1 
ATOM 682 H "H5'"  . DC B 2 9  ? 2.236   -6.706  -5.745  1.00 0.53 ? 22 DC B "H5'"  1 
ATOM 683 H "H5''" . DC B 2 9  ? 3.277   -7.982  -6.405  1.00 0.50 ? 22 DC B "H5''" 1 
ATOM 684 H "H4'"  . DC B 2 9  ? 4.613   -6.150  -5.458  1.00 0.50 ? 22 DC B "H4'"  1 
ATOM 685 H "H3'"  . DC B 2 9  ? 4.961   -8.873  -4.889  1.00 0.42 ? 22 DC B "H3'"  1 
ATOM 686 H "H2'"  . DC B 2 9  ? 4.282   -8.813  -2.687  1.00 0.41 ? 22 DC B "H2'"  1 
ATOM 687 H "H2''" . DC B 2 9  ? 5.975   -8.316  -2.448  1.00 0.39 ? 22 DC B "H2''" 1 
ATOM 688 H "H1'"  . DC B 2 9  ? 5.444   -6.043  -2.352  1.00 0.46 ? 22 DC B "H1'"  1 
ATOM 689 H H41    . DC B 2 9  ? 2.012   -5.867  2.995   1.00 0.52 ? 22 DC B H41    1 
ATOM 690 H H42    . DC B 2 9  ? 0.951   -7.139  2.431   1.00 0.53 ? 22 DC B H42    1 
ATOM 691 H H5     . DC B 2 9  ? 1.179   -8.192  0.272   1.00 0.51 ? 22 DC B H5     1 
ATOM 692 H H6     . DC B 2 9  ? 2.491   -8.273  -1.783  1.00 0.48 ? 22 DC B H6     1 
ATOM 693 P P      . DC B 2 10 ? 7.833   -8.262  -4.233  1.00 0.39 ? 23 DC B P      1 
ATOM 694 O OP1    . DC B 2 10 ? 8.824   -8.272  -5.333  1.00 1.50 ? 23 DC B OP1    1 
ATOM 695 O OP2    . DC B 2 10 ? 7.412   -9.539  -3.614  1.00 1.16 ? 23 DC B OP2    1 
ATOM 696 O "O5'"  . DC B 2 10 ? 8.386   -7.294  -3.064  1.00 0.34 ? 23 DC B "O5'"  1 
ATOM 697 C "C5'"  . DC B 2 10 ? 8.978   -6.030  -3.388  1.00 0.39 ? 23 DC B "C5'"  1 
ATOM 698 C "C4'"  . DC B 2 10 ? 9.709   -5.409  -2.193  1.00 0.41 ? 23 DC B "C4'"  1 
ATOM 699 O "O4'"  . DC B 2 10 ? 8.812   -5.201  -1.065  1.00 0.41 ? 23 DC B "O4'"  1 
ATOM 700 C "C3'"  . DC B 2 10 ? 10.827  -6.307  -1.689  1.00 0.36 ? 23 DC B "C3'"  1 
ATOM 701 O "O3'"  . DC B 2 10 ? 11.958  -5.536  -1.253  1.00 0.44 ? 23 DC B "O3'"  1 
ATOM 702 C "C2'"  . DC B 2 10 ? 10.189  -7.041  -0.548  1.00 0.29 ? 23 DC B "C2'"  1 
ATOM 703 C "C1'"  . DC B 2 10 ? 9.237   -6.036  0.044   1.00 0.34 ? 23 DC B "C1'"  1 
ATOM 704 N N1     . DC B 2 10 ? 8.078   -6.685  0.703   1.00 0.31 ? 23 DC B N1     1 
ATOM 705 C C2     . DC B 2 10 ? 7.764   -6.286  1.997   1.00 0.34 ? 23 DC B C2     1 
ATOM 706 O O2     . DC B 2 10 ? 8.448   -5.442  2.573   1.00 0.38 ? 23 DC B O2     1 
ATOM 707 N N3     . DC B 2 10 ? 6.688   -6.859  2.605   1.00 0.34 ? 23 DC B N3     1 
ATOM 708 C C4     . DC B 2 10 ? 5.951   -7.783  1.975   1.00 0.33 ? 23 DC B C4     1 
ATOM 709 N N4     . DC B 2 10 ? 4.903   -8.321  2.599   1.00 0.37 ? 23 DC B N4     1 
ATOM 710 C C5     . DC B 2 10 ? 6.271   -8.198  0.647   1.00 0.31 ? 23 DC B C5     1 
ATOM 711 C C6     . DC B 2 10 ? 7.335   -7.627  0.052   1.00 0.29 ? 23 DC B C6     1 
ATOM 712 H "H5'"  . DC B 2 10 ? 8.194   -5.347  -3.716  1.00 0.45 ? 23 DC B "H5'"  1 
ATOM 713 H "H5''" . DC B 2 10 ? 9.689   -6.170  -4.203  1.00 0.39 ? 23 DC B "H5''" 1 
ATOM 714 H "H4'"  . DC B 2 10 ? 10.128  -4.449  -2.491  1.00 0.48 ? 23 DC B "H4'"  1 
ATOM 715 H "H3'"  . DC B 2 10 ? 11.122  -7.011  -2.470  1.00 0.33 ? 23 DC B "H3'"  1 
ATOM 716 H "H2'"  . DC B 2 10 ? 9.662   -7.919  -0.909  1.00 0.24 ? 23 DC B "H2'"  1 
ATOM 717 H "H2''" . DC B 2 10 ? 10.930  -7.316  0.190   1.00 0.30 ? 23 DC B "H2''" 1 
ATOM 718 H "H1'"  . DC B 2 10 ? 9.782   -5.435  0.769   1.00 0.39 ? 23 DC B "H1'"  1 
ATOM 719 H H41    . DC B 2 10 ? 4.671   -8.032  3.538   1.00 0.39 ? 23 DC B H41    1 
ATOM 720 H H42    . DC B 2 10 ? 4.341   -9.019  2.132   1.00 0.39 ? 23 DC B H42    1 
ATOM 721 H H5     . DC B 2 10 ? 5.674   -8.951  0.132   1.00 0.32 ? 23 DC B H5     1 
ATOM 722 H H6     . DC B 2 10 ? 7.607   -7.922  -0.957  1.00 0.28 ? 23 DC B H6     1 
ATOM 723 P P      . DG B 2 11 ? 13.204  -6.236  -0.504  1.00 0.45 ? 24 DG B P      1 
ATOM 724 O OP1    . DG B 2 11 ? 14.442  -5.535  -0.914  1.00 1.24 ? 24 DG B OP1    1 
ATOM 725 O OP2    . DG B 2 11 ? 13.096  -7.702  -0.680  1.00 1.49 ? 24 DG B OP2    1 
ATOM 726 O "O5'"  . DG B 2 11 ? 12.920  -5.895  1.047   1.00 0.42 ? 24 DG B "O5'"  1 
ATOM 727 C "C5'"  . DG B 2 11 ? 13.313  -4.631  1.593   1.00 0.53 ? 24 DG B "C5'"  1 
ATOM 728 C "C4'"  . DG B 2 11 ? 13.421  -4.673  3.115   1.00 0.56 ? 24 DG B "C4'"  1 
ATOM 729 O "O4'"  . DG B 2 11 ? 12.138  -4.977  3.712   1.00 0.47 ? 24 DG B "O4'"  1 
ATOM 730 C "C3'"  . DG B 2 11 ? 14.409  -5.744  3.558   1.00 0.60 ? 24 DG B "C3'"  1 
ATOM 731 O "O3'"  . DG B 2 11 ? 15.322  -5.225  4.543   1.00 0.72 ? 24 DG B "O3'"  1 
ATOM 732 C "C2'"  . DG B 2 11 ? 13.557  -6.837  4.135   1.00 0.50 ? 24 DG B "C2'"  1 
ATOM 733 C "C1'"  . DG B 2 11 ? 12.230  -6.195  4.478   1.00 0.42 ? 24 DG B "C1'"  1 
ATOM 734 N N9     . DG B 2 11 ? 11.108  -7.098  4.171   1.00 0.31 ? 24 DG B N9     1 
ATOM 735 C C8     . DG B 2 11 ? 10.893  -7.860  3.076   1.00 0.27 ? 24 DG B C8     1 
ATOM 736 N N7     . DG B 2 11 ? 9.805   -8.557  3.036   1.00 0.26 ? 24 DG B N7     1 
ATOM 737 C C5     . DG B 2 11 ? 9.212   -8.226  4.259   1.00 0.27 ? 24 DG B C5     1 
ATOM 738 C C6     . DG B 2 11 ? 7.985   -8.663  4.825   1.00 0.31 ? 24 DG B C6     1 
ATOM 739 O O6     . DG B 2 11 ? 7.158   -9.436  4.348   1.00 0.39 ? 24 DG B O6     1 
ATOM 740 N N1     . DG B 2 11 ? 7.765   -8.090  6.071   1.00 0.33 ? 24 DG B N1     1 
ATOM 741 C C2     . DG B 2 11 ? 8.617   -7.203  6.700   1.00 0.33 ? 24 DG B C2     1 
ATOM 742 N N2     . DG B 2 11 ? 8.234   -6.762  7.899   1.00 0.38 ? 24 DG B N2     1 
ATOM 743 N N3     . DG B 2 11 ? 9.771   -6.787  6.173   1.00 0.34 ? 24 DG B N3     1 
ATOM 744 C C4     . DG B 2 11 ? 10.006  -7.333  4.959   1.00 0.29 ? 24 DG B C4     1 
ATOM 745 H "H5'"  . DG B 2 11 ? 12.580  -3.876  1.309   1.00 0.54 ? 24 DG B "H5'"  1 
ATOM 746 H "H5''" . DG B 2 11 ? 14.281  -4.359  1.180   1.00 0.59 ? 24 DG B "H5''" 1 
ATOM 747 H "H4'"  . DG B 2 11 ? 13.758  -3.702  3.475   1.00 0.66 ? 24 DG B "H4'"  1 
ATOM 748 H "H3'"  . DG B 2 11 ? 14.962  -6.122  2.694   1.00 0.62 ? 24 DG B "H3'"  1 
ATOM 749 H "H2'"  . DG B 2 11 ? 13.415  -7.625  3.395   1.00 0.47 ? 24 DG B "H2'"  1 
ATOM 750 H "H2''" . DG B 2 11 ? 14.017  -7.241  5.024   1.00 0.55 ? 24 DG B "H2''" 1 
ATOM 751 H "H1'"  . DG B 2 11 ? 12.214  -5.955  5.541   1.00 0.45 ? 24 DG B "H1'"  1 
ATOM 752 H H8     . DG B 2 11 ? 11.621  -7.894  2.265   1.00 0.29 ? 24 DG B H8     1 
ATOM 753 H H1     . DG B 2 11 ? 6.908   -8.355  6.536   1.00 0.37 ? 24 DG B H1     1 
ATOM 754 H H21    . DG B 2 11 ? 7.361   -7.076  8.298   1.00 0.40 ? 24 DG B H21    1 
ATOM 755 H H22    . DG B 2 11 ? 8.818   -6.114  8.408   1.00 0.43 ? 24 DG B H22    1 
ATOM 756 P P      . DC B 2 12 ? 16.239  -6.202  5.452   1.00 0.80 ? 25 DC B P      1 
ATOM 757 O OP1    . DC B 2 12 ? 17.482  -5.478  5.799   1.00 1.17 ? 25 DC B OP1    1 
ATOM 758 O OP2    . DC B 2 12 ? 16.318  -7.522  4.786   1.00 1.83 ? 25 DC B OP2    1 
ATOM 759 O "O5'"  . DC B 2 12 ? 15.361  -6.370  6.799   1.00 0.77 ? 25 DC B "O5'"  1 
ATOM 760 C "C5'"  . DC B 2 12 ? 15.196  -5.262  7.692   1.00 0.85 ? 25 DC B "C5'"  1 
ATOM 761 C "C4'"  . DC B 2 12 ? 14.294  -5.590  8.885   1.00 0.83 ? 25 DC B "C4'"  1 
ATOM 762 O "O4'"  . DC B 2 12 ? 13.051  -6.213  8.458   1.00 0.68 ? 25 DC B "O4'"  1 
ATOM 763 C "C3'"  . DC B 2 12 ? 14.949  -6.565  9.850   1.00 0.89 ? 25 DC B "C3'"  1 
ATOM 764 O "O3'"  . DC B 2 12 ? 14.611  -6.253  11.210  1.00 0.95 ? 25 DC B "O3'"  1 
ATOM 765 C "C2'"  . DC B 2 12 ? 14.389  -7.891  9.439   1.00 0.78 ? 25 DC B "C2'"  1 
ATOM 766 C "C1'"  . DC B 2 12 ? 12.990  -7.566  8.982   1.00 0.65 ? 25 DC B "C1'"  1 
ATOM 767 N N1     . DC B 2 12 ? 12.483  -8.510  7.954   1.00 0.54 ? 25 DC B N1     1 
ATOM 768 C C2     . DC B 2 12 ? 11.178  -8.969  8.098   1.00 0.45 ? 25 DC B C2     1 
ATOM 769 O O2     . DC B 2 12 ? 10.510  -8.642  9.076   1.00 0.46 ? 25 DC B O2     1 
ATOM 770 N N3     . DC B 2 12 ? 10.670  -9.788  7.137   1.00 0.40 ? 25 DC B N3     1 
ATOM 771 C C4     . DC B 2 12 ? 11.404  -10.144 6.075   1.00 0.43 ? 25 DC B C4     1 
ATOM 772 N N4     . DC B 2 12 ? 10.871  -10.943 5.150   1.00 0.44 ? 25 DC B N4     1 
ATOM 773 C C5     . DC B 2 12 ? 12.747  -9.678  5.921   1.00 0.49 ? 25 DC B C5     1 
ATOM 774 C C6     . DC B 2 12 ? 13.246  -8.871  6.878   1.00 0.55 ? 25 DC B C6     1 
ATOM 775 H "H5'"  . DC B 2 12 ? 14.759  -4.430  7.140   1.00 0.84 ? 25 DC B "H5'"  1 
ATOM 776 H "H5''" . DC B 2 12 ? 16.175  -4.963  8.063   1.00 0.97 ? 25 DC B "H5''" 1 
ATOM 777 H "H4'"  . DC B 2 12 ? 14.058  -4.667  9.415   1.00 0.89 ? 25 DC B "H4'"  1 
ATOM 778 H "H3'"  . DC B 2 12 ? 16.033  -6.556  9.714   1.00 0.98 ? 25 DC B "H3'"  1 
ATOM 779 H "H2'"  . DC B 2 12 ? 14.983  -8.320  8.638   1.00 0.79 ? 25 DC B "H2'"  1 
ATOM 780 H "H2''" . DC B 2 12 ? 14.345  -8.566  10.285  1.00 0.81 ? 25 DC B "H2''" 1 
ATOM 781 H "H1'"  . DC B 2 12 ? 12.337  -7.591  9.851   1.00 0.65 ? 25 DC B "H1'"  1 
ATOM 782 H H41    . DC B 2 12 ? 9.922   -11.276 5.254   1.00 0.45 ? 25 DC B H41    1 
ATOM 783 H H42    . DC B 2 12 ? 11.416  -11.215 4.344   1.00 0.48 ? 25 DC B H42    1 
ATOM 784 H H5     . DC B 2 12 ? 13.341  -9.951  5.049   1.00 0.53 ? 25 DC B H5     1 
ATOM 785 H H6     . DC B 2 12 ? 14.271  -8.519  6.799   1.00 0.64 ? 25 DC B H6     1 
ATOM 786 P P      . DG B 2 13 ? 15.261  -7.071  12.441  1.00 1.05 ? 26 DG B P      1 
ATOM 787 O OP1    . DG B 2 13 ? 15.844  -6.095  13.388  1.00 2.03 ? 26 DG B OP1    1 
ATOM 788 O OP2    . DG B 2 13 ? 16.105  -8.155  11.888  1.00 1.29 ? 26 DG B OP2    1 
ATOM 789 O "O5'"  . DG B 2 13 ? 13.973  -7.744  13.137  1.00 0.98 ? 26 DG B "O5'"  1 
ATOM 790 C "C5'"  . DG B 2 13 ? 13.087  -6.961  13.945  1.00 1.00 ? 26 DG B "C5'"  1 
ATOM 791 C "C4'"  . DG B 2 13 ? 12.004  -7.819  14.599  1.00 0.95 ? 26 DG B "C4'"  1 
ATOM 792 O "O4'"  . DG B 2 13 ? 11.209  -8.507  13.598  1.00 0.82 ? 26 DG B "O4'"  1 
ATOM 793 C "C3'"  . DG B 2 13 ? 12.610  -8.898  15.479  1.00 1.02 ? 26 DG B "C3'"  1 
ATOM 794 O "O3'"  . DG B 2 13 ? 11.763  -9.183  16.597  1.00 1.04 ? 26 DG B "O3'"  1 
ATOM 795 C "C2'"  . DG B 2 13 ? 12.704  -10.081 14.562  1.00 0.96 ? 26 DG B "C2'"  1 
ATOM 796 C "C1'"  . DG B 2 13 ? 11.520  -9.925  13.626  1.00 0.82 ? 26 DG B "C1'"  1 
ATOM 797 N N9     . DG B 2 13 ? 11.837  -10.420 12.272  1.00 0.76 ? 26 DG B N9     1 
ATOM 798 C C8     . DG B 2 13 ? 12.936  -10.205 11.509  1.00 0.82 ? 26 DG B C8     1 
ATOM 799 N N7     . DG B 2 13 ? 12.965  -10.736 10.334  1.00 0.77 ? 26 DG B N7     1 
ATOM 800 C C5     . DG B 2 13 ? 11.733  -11.396 10.290  1.00 0.68 ? 26 DG B C5     1 
ATOM 801 C C6     . DG B 2 13 ? 11.158  -12.175 9.254   1.00 0.65 ? 26 DG B C6     1 
ATOM 802 O O6     . DG B 2 13 ? 11.626  -12.436 8.147   1.00 0.67 ? 26 DG B O6     1 
ATOM 803 N N1     . DG B 2 13 ? 9.907   -12.659 9.614   1.00 0.63 ? 26 DG B N1     1 
ATOM 804 C C2     . DG B 2 13 ? 9.281   -12.424 10.823  1.00 0.62 ? 26 DG B C2     1 
ATOM 805 N N2     . DG B 2 13 ? 8.077   -12.976 10.983  1.00 0.65 ? 26 DG B N2     1 
ATOM 806 N N3     . DG B 2 13 ? 9.816   -11.690 11.804  1.00 0.63 ? 26 DG B N3     1 
ATOM 807 C C4     . DG B 2 13 ? 11.036  -11.208 11.474  1.00 0.68 ? 26 DG B C4     1 
ATOM 808 H "H5'"  . DG B 2 13 ? 12.611  -6.206  13.318  1.00 0.96 ? 26 DG B "H5'"  1 
ATOM 809 H "H5''" . DG B 2 13 ? 13.664  -6.463  14.724  1.00 1.10 ? 26 DG B "H5''" 1 
ATOM 810 H "H4'"  . DG B 2 13 ? 11.352  -7.186  15.198  1.00 0.98 ? 26 DG B "H4'"  1 
ATOM 811 H "H3'"  . DG B 2 13 ? 13.605  -8.597  15.815  1.00 1.12 ? 26 DG B "H3'"  1 
ATOM 812 H "HO3'" . DG B 2 13 ? 10.916  -9.469  16.248  1.00 1.32 ? 26 DG B "HO3'" 1 
ATOM 813 H "H2'"  . DG B 2 13 ? 13.640  -10.047 14.003  1.00 0.99 ? 26 DG B "H2'"  1 
ATOM 814 H "H2''" . DG B 2 13 ? 12.630  -11.011 15.125  1.00 1.00 ? 26 DG B "H2''" 1 
ATOM 815 H "H1'"  . DG B 2 13 ? 10.668  -10.476 14.025  1.00 0.80 ? 26 DG B "H1'"  1 
ATOM 816 H H8     . DG B 2 13 ? 13.770  -9.607  11.878  1.00 0.92 ? 26 DG B H8     1 
ATOM 817 H H1     . DG B 2 13 ? 9.436   -13.227 8.924   1.00 0.66 ? 26 DG B H1     1 
ATOM 818 H H21    . DG B 2 13 ? 7.673   -13.530 10.242  1.00 0.69 ? 26 DG B H21    1 
ATOM 819 H H22    . DG B 2 13 ? 7.570   -12.839 11.846  1.00 0.65 ? 26 DG B H22    1 
# 
